data_2GVH
#
_entry.id   2GVH
#
_cell.length_a   121.209
_cell.length_b   121.209
_cell.length_c   81.844
_cell.angle_alpha   90.000
_cell.angle_beta   90.000
_cell.angle_gamma   90.000
#
_symmetry.space_group_name_H-M   'P 43'
#
loop_
_entity.id
_entity.type
_entity.pdbx_description
1 polymer AGR_L_2016p
2 non-polymer 'SODIUM ION'
#
_entity_poly.entity_id   1
_entity_poly.type   'polypeptide(L)'
_entity_poly.pdbx_seq_one_letter_code
;(MSE)GSDKIHHHHHH(MSE)TEIATIEKPAQHGATTRLIDIVFPGDTNHHGTLFGGTGLAL(MSE)DRVAFIAATRFGR
TPFVTASCERIDFRQPARIGHIVEFTARPVKAGRRSLTVEVE(MSE)VAETIIGRQQHTCTRGIFH(MSE)VAIPEGEDA
ASYVLPELLTEETPDPSDAVT(MSE)VEIVFPDQANSAGR(MSE)FGGEAIAY(MSE)TKAAFVAASRYCGKLVVLASSE
RIDFARAIEIGEIVEAQAHVERVGRSS(MSE)SIQTKLWSENLLTGERHITATGHFT(MSE)VAVDKDHRPATIRDPAEA
FSLEKGGA
;
_entity_poly.pdbx_strand_id   A,B,C
#
# COMPACT_ATOMS: atom_id res chain seq x y z
N LYS A 21 -24.03 29.31 9.65
CA LYS A 21 -24.32 28.19 8.72
C LYS A 21 -25.83 28.12 8.34
N PRO A 22 -26.14 28.22 7.04
CA PRO A 22 -27.46 27.84 6.48
C PRO A 22 -27.57 26.30 6.38
N ALA A 23 -28.80 25.81 6.31
CA ALA A 23 -29.07 24.37 6.25
C ALA A 23 -28.47 23.72 5.00
N GLN A 24 -28.22 22.41 5.04
CA GLN A 24 -27.65 21.69 3.89
C GLN A 24 -28.31 20.38 3.52
N HIS A 25 -28.39 20.13 2.21
CA HIS A 25 -29.03 18.93 1.68
C HIS A 25 -28.06 17.77 1.82
N GLY A 26 -28.59 16.60 2.17
CA GLY A 26 -27.78 15.40 2.36
C GLY A 26 -27.39 14.74 1.06
N ALA A 27 -26.15 14.93 0.64
CA ALA A 27 -25.66 14.36 -0.62
C ALA A 27 -25.22 12.90 -0.45
N THR A 28 -25.22 12.15 -1.56
CA THR A 28 -24.70 10.78 -1.54
C THR A 28 -23.28 10.77 -2.10
N THR A 29 -22.37 10.17 -1.33
CA THR A 29 -21.01 10.01 -1.74
C THR A 29 -20.77 8.54 -2.04
N ARG A 30 -20.11 8.29 -3.17
CA ARG A 30 -19.84 6.93 -3.66
C ARG A 30 -18.34 6.67 -3.85
N LEU A 31 -17.95 5.49 -3.37
CA LEU A 31 -16.57 5.03 -3.42
C LEU A 31 -16.60 3.63 -4.02
N ILE A 32 -15.80 3.39 -5.05
CA ILE A 32 -15.89 2.12 -5.75
C ILE A 32 -14.57 1.40 -5.79
N ASP A 33 -14.61 0.10 -5.51
CA ASP A 33 -13.44 -0.75 -5.58
C ASP A 33 -13.72 -2.00 -6.40
N ILE A 34 -12.71 -2.47 -7.13
CA ILE A 34 -12.84 -3.66 -7.95
C ILE A 34 -12.11 -4.84 -7.36
N VAL A 35 -12.81 -5.98 -7.26
CA VAL A 35 -12.19 -7.22 -6.89
C VAL A 35 -12.18 -8.09 -8.12
N PHE A 36 -11.00 -8.35 -8.65
CA PHE A 36 -10.84 -9.15 -9.88
C PHE A 36 -11.10 -10.64 -9.69
N PRO A 37 -11.57 -11.33 -10.76
CA PRO A 37 -11.79 -12.78 -10.68
C PRO A 37 -10.50 -13.49 -10.29
N GLY A 38 -10.58 -14.35 -9.29
CA GLY A 38 -9.42 -15.11 -8.86
C GLY A 38 -8.50 -14.41 -7.86
N ASP A 39 -8.72 -13.14 -7.56
CA ASP A 39 -7.91 -12.47 -6.53
C ASP A 39 -8.41 -12.82 -5.10
N THR A 40 -7.95 -13.95 -4.58
CA THR A 40 -8.43 -14.47 -3.29
C THR A 40 -8.03 -13.62 -2.08
N ASN A 41 -6.90 -12.90 -2.18
CA ASN A 41 -6.48 -11.99 -1.10
C ASN A 41 -7.42 -10.78 -0.94
N HIS A 42 -7.66 -10.08 -2.04
CA HIS A 42 -8.56 -8.95 -2.03
C HIS A 42 -9.97 -9.41 -1.66
N HIS A 43 -10.41 -10.51 -2.27
CA HIS A 43 -11.72 -11.05 -1.97
C HIS A 43 -11.85 -11.28 -0.47
N GLY A 44 -10.84 -11.96 0.09
CA GLY A 44 -10.84 -12.40 1.47
C GLY A 44 -10.76 -11.28 2.50
N THR A 45 -10.21 -10.16 2.06
CA THR A 45 -10.10 -8.98 2.92
C THR A 45 -11.26 -8.01 2.69
N LEU A 46 -11.70 -7.90 1.46
CA LEU A 46 -12.74 -6.93 1.14
C LEU A 46 -14.06 -7.41 1.67
N PHE A 47 -14.34 -8.69 1.49
CA PHE A 47 -15.49 -9.27 2.14
C PHE A 47 -15.04 -9.73 3.51
N GLY A 48 -14.73 -8.72 4.33
CA GLY A 48 -14.07 -8.87 5.61
C GLY A 48 -13.63 -7.48 6.05
N GLY A 49 -12.49 -7.42 6.73
CA GLY A 49 -12.07 -6.23 7.45
C GLY A 49 -11.89 -5.04 6.57
N THR A 50 -11.35 -5.25 5.39
CA THR A 50 -11.12 -4.15 4.46
C THR A 50 -12.47 -3.56 4.06
N GLY A 51 -13.43 -4.41 3.71
CA GLY A 51 -14.79 -3.91 3.42
C GLY A 51 -15.26 -2.94 4.49
N LEU A 52 -15.10 -3.37 5.73
CA LEU A 52 -15.37 -2.51 6.84
C LEU A 52 -14.66 -1.18 6.71
N ALA A 53 -13.34 -1.21 6.49
CA ALA A 53 -12.55 0.02 6.42
C ALA A 53 -13.05 0.97 5.36
N LEU A 54 -13.47 0.42 4.22
CA LEU A 54 -13.99 1.23 3.14
C LEU A 54 -15.33 1.88 3.50
N ASP A 56 -16.24 2.74 6.41
CA ASP A 56 -15.85 3.87 7.23
C ASP A 56 -15.27 5.02 6.44
N ARG A 57 -14.36 4.74 5.49
CA ARG A 57 -13.76 5.80 4.72
C ARG A 57 -14.76 6.65 3.98
N VAL A 58 -15.76 6.02 3.36
CA VAL A 58 -16.74 6.79 2.60
C VAL A 58 -17.65 7.58 3.54
N ALA A 59 -17.93 7.00 4.71
CA ALA A 59 -18.69 7.68 5.74
C ALA A 59 -17.95 8.91 6.15
N PHE A 60 -16.63 8.79 6.30
CA PHE A 60 -15.79 9.87 6.75
C PHE A 60 -15.83 10.99 5.72
N ILE A 61 -15.71 10.63 4.45
CA ILE A 61 -15.81 11.61 3.37
C ILE A 61 -17.11 12.35 3.41
N ALA A 62 -18.21 11.60 3.49
CA ALA A 62 -19.54 12.20 3.47
C ALA A 62 -19.65 13.23 4.59
N ALA A 63 -19.30 12.80 5.80
CA ALA A 63 -19.27 13.67 6.98
C ALA A 63 -18.47 14.92 6.73
N THR A 64 -17.24 14.77 6.22
CA THR A 64 -16.37 15.91 6.10
C THR A 64 -16.91 16.91 5.09
N ARG A 65 -17.51 16.40 4.02
CA ARG A 65 -18.17 17.23 3.01
C ARG A 65 -19.35 17.99 3.60
N PHE A 66 -20.01 17.35 4.56
CA PHE A 66 -21.20 17.96 5.13
C PHE A 66 -20.80 19.08 6.07
N GLY A 67 -19.90 18.79 6.97
CA GLY A 67 -19.65 19.70 8.06
C GLY A 67 -18.42 20.53 7.86
N ARG A 68 -17.66 20.20 6.82
CA ARG A 68 -16.46 20.96 6.48
C ARG A 68 -15.56 21.23 7.70
N THR A 69 -15.21 20.15 8.41
CA THR A 69 -14.45 20.19 9.67
C THR A 69 -13.86 18.80 9.92
N PRO A 70 -12.82 18.67 10.77
CA PRO A 70 -12.35 17.30 11.02
C PRO A 70 -13.39 16.41 11.73
N PHE A 71 -13.37 15.12 11.40
CA PHE A 71 -14.28 14.12 11.98
C PHE A 71 -13.55 12.88 12.46
N VAL A 72 -14.04 12.29 13.55
CA VAL A 72 -13.62 10.95 13.92
C VAL A 72 -14.83 10.04 13.95
N THR A 73 -14.56 8.74 14.01
CA THR A 73 -15.60 7.76 14.17
C THR A 73 -15.74 7.48 15.65
N ALA A 74 -16.86 7.89 16.22
CA ALA A 74 -17.13 7.62 17.62
C ALA A 74 -17.65 6.21 17.74
N SER A 75 -18.47 5.79 16.77
CA SER A 75 -19.01 4.43 16.85
C SER A 75 -19.63 3.91 15.60
N CYS A 76 -19.85 2.61 15.60
CA CYS A 76 -20.17 1.87 14.42
C CYS A 76 -21.18 0.86 14.86
N GLU A 77 -22.37 0.94 14.30
CA GLU A 77 -23.43 0.00 14.70
C GLU A 77 -23.21 -1.38 14.11
N ARG A 78 -23.91 -2.37 14.65
CA ARG A 78 -23.72 -3.76 14.24
C ARG A 78 -23.95 -3.93 12.74
N ILE A 79 -23.15 -4.79 12.12
CA ILE A 79 -23.22 -5.03 10.70
C ILE A 79 -23.28 -6.53 10.43
N ASP A 80 -24.18 -6.95 9.52
CA ASP A 80 -24.16 -8.31 9.00
C ASP A 80 -23.47 -8.37 7.67
N PHE A 81 -22.66 -9.42 7.50
CA PHE A 81 -21.96 -9.68 6.24
C PHE A 81 -22.42 -10.96 5.59
N ARG A 82 -22.56 -10.92 4.27
CA ARG A 82 -22.71 -12.15 3.50
C ARG A 82 -21.54 -12.26 2.51
N GLN A 83 -20.92 -13.43 2.45
CA GLN A 83 -19.85 -13.67 1.52
C GLN A 83 -20.45 -14.14 0.22
N PRO A 84 -20.18 -13.41 -0.89
CA PRO A 84 -20.62 -13.93 -2.18
C PRO A 84 -19.68 -15.04 -2.68
N ALA A 85 -19.97 -15.59 -3.85
CA ALA A 85 -19.09 -16.56 -4.51
C ALA A 85 -17.76 -15.91 -4.92
N ARG A 86 -16.70 -16.71 -4.98
CA ARG A 86 -15.33 -16.22 -5.21
C ARG A 86 -15.02 -15.58 -6.57
N ILE A 87 -16.07 -15.29 -7.35
CA ILE A 87 -15.92 -14.56 -8.63
C ILE A 87 -15.39 -13.11 -8.45
N GLY A 88 -15.52 -12.29 -9.51
CA GLY A 88 -15.10 -10.89 -9.46
C GLY A 88 -16.23 -9.90 -9.33
N HIS A 89 -15.97 -8.79 -8.65
CA HIS A 89 -17.04 -7.84 -8.35
C HIS A 89 -16.60 -6.39 -8.47
N ILE A 90 -17.47 -5.55 -9.01
CA ILE A 90 -17.38 -4.12 -8.75
C ILE A 90 -18.15 -3.84 -7.47
N VAL A 91 -17.49 -3.22 -6.51
CA VAL A 91 -18.11 -2.98 -5.20
C VAL A 91 -18.28 -1.50 -4.93
N GLU A 92 -19.51 -1.11 -4.64
CA GLU A 92 -19.84 0.27 -4.44
C GLU A 92 -20.23 0.56 -3.00
N PHE A 93 -19.59 1.59 -2.45
CA PHE A 93 -19.82 2.04 -1.09
C PHE A 93 -20.43 3.42 -1.16
N THR A 94 -21.68 3.52 -0.70
CA THR A 94 -22.44 4.75 -0.73
C THR A 94 -22.67 5.24 0.71
N ALA A 95 -22.54 6.55 0.93
CA ALA A 95 -22.83 7.16 2.23
C ALA A 95 -23.73 8.38 2.11
N ARG A 96 -24.74 8.43 2.98
CA ARG A 96 -25.67 9.57 3.19
C ARG A 96 -25.68 9.96 4.66
N PRO A 97 -25.59 11.26 4.96
CA PRO A 97 -25.93 11.65 6.32
C PRO A 97 -27.43 11.51 6.51
N VAL A 98 -27.87 11.03 7.68
CA VAL A 98 -29.30 10.82 7.94
C VAL A 98 -29.80 11.52 9.18
N LYS A 99 -28.89 11.93 10.06
CA LYS A 99 -29.24 12.74 11.23
C LYS A 99 -28.06 13.61 11.63
N ALA A 100 -28.35 14.80 12.16
CA ALA A 100 -27.30 15.77 12.50
C ALA A 100 -27.61 16.58 13.77
N GLY A 101 -26.78 16.38 14.80
CA GLY A 101 -26.89 17.13 16.02
C GLY A 101 -26.02 18.36 15.93
N ARG A 102 -25.56 18.83 17.08
CA ARG A 102 -24.60 19.92 17.18
C ARG A 102 -23.26 19.43 16.71
N ARG A 103 -22.90 18.22 17.12
CA ARG A 103 -21.62 17.66 16.75
C ARG A 103 -21.63 16.22 16.27
N SER A 104 -22.74 15.53 16.48
CA SER A 104 -22.90 14.15 16.05
C SER A 104 -23.51 14.10 14.69
N LEU A 105 -22.90 13.33 13.80
CA LEU A 105 -23.49 13.08 12.48
C LEU A 105 -23.72 11.60 12.32
N THR A 106 -24.95 11.23 12.02
CA THR A 106 -25.23 9.86 11.70
C THR A 106 -25.11 9.71 10.20
N VAL A 107 -24.33 8.72 9.76
CA VAL A 107 -24.14 8.42 8.34
C VAL A 107 -24.54 6.97 8.03
N GLU A 108 -25.36 6.80 7.01
CA GLU A 108 -25.78 5.50 6.56
C GLU A 108 -24.96 5.05 5.37
N VAL A 109 -24.41 3.85 5.46
CA VAL A 109 -23.55 3.33 4.42
C VAL A 109 -24.06 2.01 3.86
N GLU A 110 -24.16 1.94 2.55
CA GLU A 110 -24.50 0.71 1.87
C GLU A 110 -23.29 0.18 1.10
N VAL A 112 -22.67 -2.47 -1.79
CA VAL A 112 -23.25 -3.35 -2.79
C VAL A 112 -22.22 -3.90 -3.76
N ALA A 113 -22.23 -5.22 -3.88
CA ALA A 113 -21.33 -5.92 -4.80
C ALA A 113 -22.11 -6.45 -5.98
N GLU A 114 -21.66 -6.10 -7.19
CA GLU A 114 -22.23 -6.64 -8.42
C GLU A 114 -21.18 -7.43 -9.19
N THR A 115 -21.56 -8.60 -9.74
CA THR A 115 -20.59 -9.38 -10.53
C THR A 115 -20.09 -8.54 -11.70
N ILE A 116 -18.81 -8.67 -12.00
CA ILE A 116 -18.23 -8.06 -13.19
C ILE A 116 -18.86 -8.70 -14.43
N ILE A 117 -18.89 -10.02 -14.45
CA ILE A 117 -19.60 -10.74 -15.51
C ILE A 117 -21.08 -10.89 -15.13
N GLY A 118 -21.95 -10.18 -15.83
CA GLY A 118 -23.40 -10.35 -15.63
C GLY A 118 -24.10 -9.27 -14.84
N ARG A 119 -23.33 -8.56 -14.01
CA ARG A 119 -23.88 -7.47 -13.19
C ARG A 119 -25.01 -7.91 -12.26
N GLN A 120 -24.83 -9.04 -11.57
CA GLN A 120 -25.81 -9.52 -10.60
C GLN A 120 -25.43 -9.00 -9.21
N GLN A 121 -26.40 -8.41 -8.48
CA GLN A 121 -26.20 -7.99 -7.09
C GLN A 121 -26.09 -9.22 -6.19
N HIS A 122 -24.98 -9.34 -5.48
CA HIS A 122 -24.71 -10.55 -4.69
C HIS A 122 -24.72 -10.20 -3.20
N THR A 123 -24.42 -8.95 -2.88
CA THR A 123 -24.32 -8.53 -1.49
C THR A 123 -24.99 -7.20 -1.36
N CYS A 124 -25.31 -6.83 -0.13
CA CYS A 124 -26.06 -5.63 0.10
C CYS A 124 -26.05 -5.29 1.57
N THR A 125 -24.85 -5.05 2.08
CA THR A 125 -24.63 -4.82 3.50
C THR A 125 -24.84 -3.37 3.89
N ARG A 126 -25.62 -3.15 4.95
CA ARG A 126 -25.92 -1.80 5.44
C ARG A 126 -25.22 -1.52 6.77
N GLY A 127 -24.72 -0.30 6.94
CA GLY A 127 -24.00 0.08 8.16
C GLY A 127 -24.38 1.47 8.61
N ILE A 128 -24.32 1.72 9.91
CA ILE A 128 -24.63 3.03 10.45
C ILE A 128 -23.43 3.55 11.23
N PHE A 129 -22.91 4.69 10.79
CA PHE A 129 -21.73 5.30 11.41
C PHE A 129 -22.04 6.57 12.13
N HIS A 130 -21.53 6.69 13.35
CA HIS A 130 -21.71 7.90 14.13
C HIS A 130 -20.39 8.68 14.12
N VAL A 132 -18.28 12.22 14.71
CA VAL A 132 -18.31 13.36 15.61
C VAL A 132 -17.29 14.37 15.12
N ALA A 133 -17.67 15.64 15.07
CA ALA A 133 -16.80 16.69 14.58
C ALA A 133 -15.84 17.09 15.67
N ILE A 134 -14.57 17.25 15.32
CA ILE A 134 -13.59 17.84 16.23
C ILE A 134 -13.05 19.11 15.60
N PRO A 135 -13.76 20.23 15.78
CA PRO A 135 -13.37 21.47 15.10
C PRO A 135 -12.09 22.10 15.66
N GLU A 136 -11.32 22.72 14.77
CA GLU A 136 -10.08 23.40 15.14
C GLU A 136 -10.27 24.89 14.87
N GLY A 137 -9.38 25.73 15.40
CA GLY A 137 -9.44 27.18 15.14
C GLY A 137 -9.87 28.06 16.31
N GLU A 138 -9.95 29.37 16.05
CA GLU A 138 -10.26 30.38 17.07
C GLU A 138 -11.69 30.31 17.60
N ASP A 139 -12.69 30.32 16.71
CA ASP A 139 -14.08 30.14 17.13
C ASP A 139 -14.46 28.64 17.14
N ALA A 140 -13.54 27.80 17.64
CA ALA A 140 -13.76 26.36 17.68
C ALA A 140 -14.82 25.94 18.68
N ALA A 141 -14.67 26.37 19.93
CA ALA A 141 -15.57 25.98 21.01
C ALA A 141 -17.03 26.33 20.69
N SER A 142 -17.27 27.15 19.67
CA SER A 142 -18.62 27.61 19.26
C SER A 142 -19.19 26.92 17.99
N TYR A 143 -18.52 25.87 17.53
CA TYR A 143 -18.95 25.22 16.30
C TYR A 143 -20.17 24.29 16.44
N VAL A 144 -21.22 24.56 15.66
CA VAL A 144 -22.27 23.56 15.47
C VAL A 144 -22.35 23.17 14.00
N LEU A 145 -22.46 21.86 13.77
CA LEU A 145 -22.84 21.29 12.48
C LEU A 145 -24.03 22.01 11.85
N PRO A 146 -23.97 22.23 10.53
CA PRO A 146 -25.10 22.90 9.90
C PRO A 146 -26.33 22.00 9.92
N GLU A 147 -27.54 22.58 9.85
CA GLU A 147 -28.77 21.80 9.86
C GLU A 147 -28.87 20.83 8.68
N LEU A 148 -29.51 19.67 8.90
CA LEU A 148 -29.63 18.69 7.82
C LEU A 148 -30.98 18.69 7.11
N LEU A 149 -30.96 18.89 5.80
CA LEU A 149 -32.16 18.82 4.95
C LEU A 149 -32.07 17.60 4.03
N THR A 150 -33.21 16.98 3.72
CA THR A 150 -33.16 15.87 2.77
C THR A 150 -32.93 16.41 1.36
N GLU A 151 -32.16 15.66 0.58
CA GLU A 151 -31.92 16.00 -0.82
C GLU A 151 -33.07 15.41 -1.63
N GLU A 152 -33.38 16.05 -2.77
CA GLU A 152 -34.24 15.43 -3.78
C GLU A 152 -33.47 14.27 -4.46
N THR A 153 -34.20 13.21 -4.83
CA THR A 153 -33.60 12.03 -5.43
C THR A 153 -33.23 12.28 -6.91
N PRO A 154 -31.96 12.09 -7.27
CA PRO A 154 -31.42 12.45 -8.60
C PRO A 154 -31.83 11.47 -9.73
N ASP A 155 -32.00 12.00 -10.94
CA ASP A 155 -32.53 11.25 -12.09
C ASP A 155 -31.88 9.88 -12.35
N ALA A 159 -23.40 6.71 -16.56
CA ALA A 159 -22.59 7.73 -15.90
C ALA A 159 -22.19 7.34 -14.46
N VAL A 160 -20.87 7.18 -14.23
CA VAL A 160 -20.33 6.93 -12.87
C VAL A 160 -19.60 8.13 -12.26
N THR A 161 -20.02 8.52 -11.06
CA THR A 161 -19.24 9.43 -10.19
C THR A 161 -18.67 8.65 -9.00
N VAL A 163 -15.56 8.98 -5.64
CA VAL A 163 -14.52 9.72 -4.97
C VAL A 163 -13.56 8.77 -4.28
N GLU A 164 -12.38 9.30 -4.03
CA GLU A 164 -11.39 8.60 -3.21
C GLU A 164 -10.56 9.67 -2.54
N ILE A 165 -10.03 9.37 -1.38
CA ILE A 165 -9.05 10.24 -0.77
C ILE A 165 -7.69 10.12 -1.47
N VAL A 166 -6.90 11.18 -1.44
CA VAL A 166 -5.51 11.14 -1.90
C VAL A 166 -4.66 10.74 -0.71
N PHE A 167 -3.96 9.60 -0.83
CA PHE A 167 -3.14 9.04 0.23
C PHE A 167 -1.72 9.56 0.12
N PRO A 168 -1.00 9.62 1.26
CA PRO A 168 0.43 10.01 1.23
C PRO A 168 1.26 9.26 0.18
N ASP A 169 1.07 7.95 0.09
CA ASP A 169 1.85 7.15 -0.87
C ASP A 169 1.62 7.58 -2.34
N GLN A 170 0.52 8.28 -2.60
CA GLN A 170 0.24 8.76 -3.96
C GLN A 170 0.77 10.15 -4.21
N ALA A 171 1.42 10.73 -3.21
CA ALA A 171 1.87 12.13 -3.31
C ALA A 171 3.35 12.23 -3.17
N ASN A 172 3.92 13.27 -3.76
CA ASN A 172 5.33 13.53 -3.63
C ASN A 172 5.63 14.38 -2.41
N SER A 173 6.92 14.63 -2.16
CA SER A 173 7.35 15.37 -0.98
C SER A 173 6.94 16.84 -1.02
N ALA A 174 6.45 17.32 -2.16
CA ALA A 174 5.90 18.68 -2.21
C ALA A 174 4.42 18.66 -1.83
N GLY A 175 3.88 17.47 -1.53
CA GLY A 175 2.48 17.34 -1.15
C GLY A 175 1.53 17.18 -2.32
N ARG A 176 2.08 16.92 -3.50
CA ARG A 176 1.26 16.85 -4.73
C ARG A 176 1.07 15.42 -5.21
N PHE A 178 0.96 12.49 -7.58
CA PHE A 178 1.56 12.18 -8.89
C PHE A 178 0.45 12.15 -9.92
N GLY A 179 0.69 12.81 -11.06
CA GLY A 179 -0.28 12.79 -12.15
C GLY A 179 -0.58 11.38 -12.62
N GLY A 180 0.43 10.52 -12.53
CA GLY A 180 0.24 9.12 -12.90
C GLY A 180 -0.84 8.51 -12.02
N GLU A 181 -0.88 8.95 -10.77
CA GLU A 181 -1.78 8.38 -9.82
C GLU A 181 -3.17 8.92 -10.07
N ALA A 182 -3.21 10.18 -10.51
CA ALA A 182 -4.47 10.70 -10.96
C ALA A 182 -4.96 9.92 -12.19
N ILE A 183 -4.07 9.64 -13.13
CA ILE A 183 -4.48 8.98 -14.34
C ILE A 183 -5.03 7.60 -14.01
N ALA A 184 -4.34 6.89 -13.14
CA ALA A 184 -4.76 5.57 -12.77
C ALA A 184 -6.14 5.55 -12.18
N TYR A 185 -6.49 6.60 -11.43
CA TYR A 185 -7.86 6.69 -10.88
C TYR A 185 -8.91 6.87 -11.99
N THR A 187 -8.62 5.84 -14.97
CA THR A 187 -8.67 4.58 -15.68
C THR A 187 -9.57 3.65 -14.91
N LYS A 188 -9.42 3.60 -13.60
CA LYS A 188 -10.32 2.80 -12.77
C LYS A 188 -11.76 3.20 -13.07
N ALA A 189 -12.04 4.50 -13.02
CA ALA A 189 -13.39 4.94 -13.33
C ALA A 189 -13.79 4.47 -14.72
N ALA A 190 -12.84 4.52 -15.68
CA ALA A 190 -13.16 4.11 -17.05
C ALA A 190 -13.55 2.65 -17.10
N PHE A 191 -12.82 1.86 -16.32
CA PHE A 191 -13.04 0.44 -16.26
C PHE A 191 -14.42 0.19 -15.72
N VAL A 192 -14.77 0.90 -14.65
CA VAL A 192 -16.08 0.72 -14.00
C VAL A 192 -17.21 0.99 -15.01
N ALA A 193 -17.17 2.14 -15.65
CA ALA A 193 -18.22 2.51 -16.59
C ALA A 193 -18.34 1.51 -17.75
N ALA A 194 -17.21 1.21 -18.39
CA ALA A 194 -17.18 0.27 -19.51
C ALA A 194 -17.74 -1.08 -19.13
N SER A 195 -17.29 -1.59 -17.98
CA SER A 195 -17.63 -2.92 -17.58
C SER A 195 -19.11 -3.01 -17.22
N ARG A 196 -19.60 -1.98 -16.55
CA ARG A 196 -21.03 -1.89 -16.25
C ARG A 196 -21.84 -1.88 -17.55
N TYR A 197 -21.32 -1.17 -18.55
CA TYR A 197 -22.03 -1.05 -19.82
C TYR A 197 -22.19 -2.38 -20.55
N CYS A 198 -21.12 -3.15 -20.65
CA CYS A 198 -21.16 -4.36 -21.44
C CYS A 198 -21.45 -5.62 -20.63
N GLY A 199 -21.36 -5.52 -19.30
CA GLY A 199 -21.64 -6.66 -18.43
C GLY A 199 -20.52 -7.70 -18.41
N LYS A 200 -19.37 -7.30 -18.93
CA LYS A 200 -18.21 -8.20 -19.05
C LYS A 200 -16.96 -7.55 -18.46
N LEU A 201 -15.95 -8.38 -18.30
CA LEU A 201 -14.63 -7.90 -17.97
C LEU A 201 -14.09 -7.07 -19.14
N VAL A 202 -13.39 -6.00 -18.83
CA VAL A 202 -12.87 -5.16 -19.89
C VAL A 202 -11.40 -4.92 -19.64
N VAL A 203 -10.66 -4.58 -20.69
CA VAL A 203 -9.22 -4.23 -20.58
C VAL A 203 -8.88 -2.96 -21.35
N LEU A 204 -7.95 -2.19 -20.82
CA LEU A 204 -7.55 -0.93 -21.41
C LEU A 204 -6.81 -1.21 -22.72
N ALA A 205 -7.20 -0.55 -23.83
CA ALA A 205 -6.49 -0.67 -25.11
C ALA A 205 -5.71 0.58 -25.47
N SER A 206 -6.23 1.75 -25.11
CA SER A 206 -5.48 2.99 -25.31
C SER A 206 -6.08 4.13 -24.50
N SER A 207 -5.24 5.12 -24.24
CA SER A 207 -5.70 6.38 -23.67
C SER A 207 -5.22 7.53 -24.52
N GLU A 208 -6.04 8.56 -24.62
CA GLU A 208 -5.72 9.77 -25.37
C GLU A 208 -4.89 10.75 -24.57
N ARG A 209 -4.48 11.82 -25.22
CA ARG A 209 -3.76 12.91 -24.55
C ARG A 209 -4.55 13.37 -23.34
N ILE A 210 -3.86 13.54 -22.22
CA ILE A 210 -4.47 14.05 -21.00
C ILE A 210 -3.66 15.23 -20.57
N ASP A 211 -4.33 16.37 -20.43
CA ASP A 211 -3.74 17.60 -19.92
C ASP A 211 -4.25 17.90 -18.52
N PHE A 212 -3.34 18.26 -17.63
CA PHE A 212 -3.66 18.60 -16.25
C PHE A 212 -3.74 20.11 -16.04
N ALA A 213 -4.87 20.58 -15.54
CA ALA A 213 -5.10 21.99 -15.34
C ALA A 213 -4.41 22.50 -14.07
N ARG A 214 -4.51 21.74 -12.97
CA ARG A 214 -3.80 22.05 -11.73
C ARG A 214 -3.37 20.76 -11.05
N ALA A 215 -2.44 20.87 -10.09
CA ALA A 215 -2.00 19.71 -9.33
C ALA A 215 -2.92 19.50 -8.13
N ILE A 216 -3.15 18.23 -7.84
CA ILE A 216 -4.03 17.82 -6.77
C ILE A 216 -3.20 17.70 -5.52
N GLU A 217 -3.75 18.13 -4.39
CA GLU A 217 -3.01 18.13 -3.13
C GLU A 217 -3.46 17.09 -2.13
N ILE A 218 -2.55 16.75 -1.22
CA ILE A 218 -2.74 15.68 -0.22
C ILE A 218 -4.03 15.74 0.62
N GLY A 219 -4.43 16.94 1.04
CA GLY A 219 -5.64 17.10 1.83
C GLY A 219 -6.95 17.17 1.05
N GLU A 220 -6.97 16.53 -0.12
CA GLU A 220 -8.12 16.64 -1.03
C GLU A 220 -8.66 15.26 -1.40
N ILE A 221 -9.89 15.26 -1.93
CA ILE A 221 -10.41 14.05 -2.58
C ILE A 221 -10.42 14.26 -4.07
N VAL A 222 -10.28 13.17 -4.81
CA VAL A 222 -10.49 13.20 -6.25
C VAL A 222 -11.89 12.71 -6.50
N GLU A 223 -12.52 13.28 -7.53
CA GLU A 223 -13.82 12.84 -7.97
C GLU A 223 -13.76 12.57 -9.46
N ALA A 224 -14.04 11.33 -9.85
CA ALA A 224 -14.06 10.95 -11.25
C ALA A 224 -15.49 10.77 -11.77
N GLN A 225 -15.75 11.34 -12.95
CA GLN A 225 -17.01 11.12 -13.66
C GLN A 225 -16.71 10.45 -14.99
N ALA A 226 -17.33 9.30 -15.21
CA ALA A 226 -17.02 8.53 -16.39
C ALA A 226 -18.29 8.00 -17.00
N HIS A 227 -18.36 8.08 -18.32
CA HIS A 227 -19.49 7.51 -19.05
C HIS A 227 -19.03 7.07 -20.43
N VAL A 228 -19.83 6.21 -21.05
CA VAL A 228 -19.54 5.69 -22.38
C VAL A 228 -19.90 6.73 -23.44
N GLU A 229 -18.94 7.06 -24.31
CA GLU A 229 -19.13 8.01 -25.41
C GLU A 229 -19.59 7.34 -26.70
N ARG A 230 -18.88 6.30 -27.11
CA ARG A 230 -19.25 5.56 -28.31
C ARG A 230 -18.93 4.07 -28.16
N VAL A 231 -19.63 3.24 -28.94
CA VAL A 231 -19.56 1.79 -28.81
C VAL A 231 -19.24 1.19 -30.17
N GLY A 232 -18.09 0.52 -30.27
CA GLY A 232 -17.75 -0.28 -31.45
C GLY A 232 -18.37 -1.67 -31.33
N ARG A 233 -17.79 -2.65 -32.03
CA ARG A 233 -18.26 -4.04 -31.91
C ARG A 233 -17.72 -4.69 -30.64
N SER A 234 -16.42 -4.51 -30.39
CA SER A 234 -15.73 -5.05 -29.22
C SER A 234 -15.12 -3.95 -28.36
N SER A 235 -14.94 -2.76 -28.91
CA SER A 235 -14.40 -1.62 -28.17
C SER A 235 -15.51 -0.67 -27.62
N SER A 237 -15.40 3.60 -26.07
CA SER A 237 -14.59 4.75 -25.72
C SER A 237 -15.27 5.39 -24.54
N ILE A 238 -14.48 5.75 -23.53
CA ILE A 238 -15.00 6.31 -22.28
C ILE A 238 -14.39 7.66 -22.01
N GLN A 239 -15.24 8.62 -21.67
CA GLN A 239 -14.74 9.91 -21.23
C GLN A 239 -14.70 9.96 -19.72
N THR A 240 -13.59 10.44 -19.18
CA THR A 240 -13.49 10.64 -17.73
C THR A 240 -13.09 12.07 -17.42
N LYS A 241 -13.78 12.64 -16.43
CA LYS A 241 -13.50 13.97 -15.94
C LYS A 241 -13.03 13.82 -14.51
N LEU A 242 -11.96 14.52 -14.17
CA LEU A 242 -11.40 14.43 -12.83
C LEU A 242 -11.45 15.79 -12.16
N TRP A 243 -12.00 15.81 -10.94
CA TRP A 243 -12.05 16.99 -10.12
C TRP A 243 -11.30 16.80 -8.83
N SER A 244 -10.81 17.89 -8.23
CA SER A 244 -10.34 17.85 -6.87
C SER A 244 -11.27 18.67 -6.01
N GLU A 245 -11.39 18.31 -4.75
CA GLU A 245 -12.22 19.05 -3.82
C GLU A 245 -11.46 19.07 -2.53
N ASN A 246 -11.31 20.25 -1.95
CA ASN A 246 -10.67 20.38 -0.65
C ASN A 246 -11.67 19.99 0.42
N LEU A 247 -11.29 19.02 1.24
CA LEU A 247 -12.24 18.47 2.19
C LEU A 247 -12.78 19.47 3.18
N LEU A 248 -11.90 20.31 3.73
CA LEU A 248 -12.32 21.26 4.76
C LEU A 248 -12.95 22.53 4.21
N THR A 249 -12.46 23.00 3.05
CA THR A 249 -13.01 24.24 2.46
C THR A 249 -14.14 23.99 1.45
N GLY A 250 -14.07 22.91 0.69
CA GLY A 250 -15.12 22.64 -0.30
C GLY A 250 -14.76 23.13 -1.70
N GLU A 251 -13.61 23.78 -1.82
CA GLU A 251 -13.13 24.27 -3.09
C GLU A 251 -12.91 23.16 -4.12
N ARG A 252 -13.67 23.22 -5.23
CA ARG A 252 -13.51 22.27 -6.35
C ARG A 252 -12.85 22.91 -7.55
N HIS A 253 -12.15 22.09 -8.32
CA HIS A 253 -11.62 22.49 -9.61
C HIS A 253 -11.62 21.27 -10.50
N ILE A 254 -12.01 21.46 -11.75
CA ILE A 254 -11.77 20.47 -12.78
C ILE A 254 -10.25 20.37 -12.99
N THR A 255 -9.74 19.14 -13.04
CA THR A 255 -8.31 18.89 -13.04
C THR A 255 -7.86 18.36 -14.40
N ALA A 256 -8.64 17.43 -14.96
CA ALA A 256 -8.28 16.79 -16.20
C ALA A 256 -9.47 16.09 -16.81
N THR A 257 -9.39 15.93 -18.13
CA THR A 257 -10.36 15.14 -18.88
C THR A 257 -9.59 14.13 -19.72
N GLY A 258 -10.03 12.87 -19.70
CA GLY A 258 -9.36 11.82 -20.43
C GLY A 258 -10.32 11.02 -21.26
N HIS A 259 -9.78 10.38 -22.30
CA HIS A 259 -10.55 9.46 -23.11
C HIS A 259 -9.78 8.13 -23.20
N PHE A 260 -10.45 7.06 -22.78
CA PHE A 260 -9.85 5.75 -22.75
C PHE A 260 -10.63 4.82 -23.61
N THR A 261 -9.93 3.98 -24.34
CA THR A 261 -10.58 2.92 -25.07
C THR A 261 -10.50 1.62 -24.31
N VAL A 263 -11.69 -2.60 -24.11
CA VAL A 263 -12.13 -3.72 -24.95
C VAL A 263 -12.79 -4.79 -24.08
N ALA A 264 -13.96 -5.25 -24.49
CA ALA A 264 -14.64 -6.36 -23.81
C ALA A 264 -13.91 -7.66 -24.07
N VAL A 265 -13.83 -8.51 -23.04
CA VAL A 265 -13.08 -9.77 -23.09
C VAL A 265 -13.88 -10.97 -22.53
N ASP A 266 -13.61 -12.16 -23.07
CA ASP A 266 -14.15 -13.44 -22.59
C ASP A 266 -13.33 -14.04 -21.42
N ARG A 270 -9.44 -12.82 -24.24
CA ARG A 270 -9.85 -12.82 -25.66
C ARG A 270 -11.11 -11.96 -25.95
N PRO A 271 -10.97 -10.95 -26.85
CA PRO A 271 -12.00 -9.97 -27.27
C PRO A 271 -13.40 -10.54 -27.50
N ALA A 272 -14.41 -9.76 -27.15
CA ALA A 272 -15.81 -10.20 -27.26
C ALA A 272 -16.74 -9.09 -27.78
N THR A 273 -17.99 -9.47 -28.07
CA THR A 273 -19.02 -8.56 -28.61
C THR A 273 -19.74 -7.78 -27.52
N ILE A 274 -19.77 -6.45 -27.65
CA ILE A 274 -20.39 -5.58 -26.65
C ILE A 274 -21.91 -5.52 -26.86
N PRO B 22 25.60 24.62 -16.19
CA PRO B 22 26.16 23.94 -17.37
C PRO B 22 25.21 22.88 -17.94
N ALA B 23 25.37 22.61 -19.24
CA ALA B 23 24.57 21.58 -19.94
C ALA B 23 24.61 20.20 -19.28
N GLN B 24 23.60 19.37 -19.54
CA GLN B 24 23.56 18.01 -18.99
C GLN B 24 23.17 16.91 -19.98
N HIS B 25 23.84 15.77 -19.86
CA HIS B 25 23.55 14.60 -20.68
C HIS B 25 22.29 13.90 -20.19
N GLY B 26 21.48 13.43 -21.13
CA GLY B 26 20.23 12.77 -20.79
C GLY B 26 20.42 11.34 -20.32
N ALA B 27 20.34 11.11 -19.01
CA ALA B 27 20.48 9.75 -18.47
C ALA B 27 19.20 8.90 -18.60
N THR B 28 19.34 7.59 -18.61
CA THR B 28 18.18 6.72 -18.59
C THR B 28 17.91 6.20 -17.17
N THR B 29 16.67 6.37 -16.73
CA THR B 29 16.23 5.90 -15.42
C THR B 29 15.32 4.69 -15.59
N ARG B 30 15.59 3.63 -14.85
CA ARG B 30 14.81 2.42 -14.97
C ARG B 30 14.12 2.06 -13.67
N LEU B 31 12.87 1.65 -13.75
CA LEU B 31 12.06 1.24 -12.60
C LEU B 31 11.42 -0.11 -12.95
N ILE B 32 11.53 -1.08 -12.08
CA ILE B 32 11.18 -2.42 -12.43
C ILE B 32 10.17 -2.98 -11.46
N ASP B 33 9.09 -3.55 -11.99
CA ASP B 33 8.11 -4.21 -11.17
C ASP B 33 7.87 -5.64 -11.62
N ILE B 34 7.66 -6.54 -10.69
CA ILE B 34 7.37 -7.93 -11.03
C ILE B 34 5.90 -8.25 -10.95
N VAL B 35 5.34 -8.88 -11.98
CA VAL B 35 3.98 -9.45 -11.88
C VAL B 35 4.14 -10.96 -11.84
N PHE B 36 3.79 -11.59 -10.74
CA PHE B 36 3.91 -13.05 -10.60
C PHE B 36 2.86 -13.88 -11.34
N PRO B 37 3.19 -15.12 -11.75
CA PRO B 37 2.25 -15.97 -12.48
C PRO B 37 0.99 -16.16 -11.66
N GLY B 38 -0.15 -15.95 -12.27
CA GLY B 38 -1.42 -16.15 -11.59
C GLY B 38 -1.89 -15.00 -10.72
N ASP B 39 -1.10 -13.94 -10.56
CA ASP B 39 -1.60 -12.75 -9.83
C ASP B 39 -2.51 -11.87 -10.72
N THR B 40 -3.79 -12.23 -10.80
CA THR B 40 -4.74 -11.57 -11.71
C THR B 40 -5.00 -10.10 -11.36
N ASN B 41 -4.87 -9.75 -10.09
CA ASN B 41 -5.10 -8.36 -9.64
C ASN B 41 -3.99 -7.41 -10.10
N HIS B 42 -2.75 -7.79 -9.82
CA HIS B 42 -1.62 -7.03 -10.29
C HIS B 42 -1.57 -6.99 -11.83
N HIS B 43 -1.82 -8.14 -12.44
CA HIS B 43 -1.82 -8.21 -13.89
C HIS B 43 -2.83 -7.20 -14.42
N GLY B 44 -4.07 -7.30 -13.92
CA GLY B 44 -5.20 -6.49 -14.39
C GLY B 44 -5.04 -5.00 -14.14
N THR B 45 -4.21 -4.63 -13.17
CA THR B 45 -3.99 -3.23 -12.84
C THR B 45 -2.73 -2.70 -13.49
N LEU B 46 -1.71 -3.53 -13.55
CA LEU B 46 -0.45 -3.12 -14.15
C LEU B 46 -0.55 -3.00 -15.66
N PHE B 47 -1.24 -3.94 -16.31
CA PHE B 47 -1.56 -3.77 -17.72
C PHE B 47 -2.91 -3.08 -17.73
N GLY B 48 -2.86 -1.83 -17.32
CA GLY B 48 -4.03 -1.05 -16.95
C GLY B 48 -3.47 0.21 -16.31
N GLY B 49 -4.25 0.76 -15.40
CA GLY B 49 -3.99 2.09 -14.85
C GLY B 49 -2.69 2.18 -14.07
N THR B 50 -2.38 1.11 -13.33
CA THR B 50 -1.19 1.13 -12.55
C THR B 50 0.01 1.20 -13.47
N GLY B 51 -0.06 0.45 -14.56
CA GLY B 51 0.98 0.52 -15.59
C GLY B 51 1.20 1.99 -15.92
N LEU B 52 0.10 2.71 -16.08
CA LEU B 52 0.19 4.13 -16.41
C LEU B 52 0.89 4.89 -15.32
N ALA B 53 0.43 4.74 -14.08
CA ALA B 53 1.06 5.40 -12.94
C ALA B 53 2.59 5.22 -12.86
N LEU B 54 3.06 4.01 -13.16
CA LEU B 54 4.48 3.69 -13.06
C LEU B 54 5.23 4.36 -14.16
N ASP B 56 4.41 7.23 -15.32
CA ASP B 56 4.55 8.59 -14.89
C ASP B 56 5.58 8.68 -13.77
N ARG B 57 5.54 7.72 -12.82
CA ARG B 57 6.54 7.79 -11.72
C ARG B 57 8.00 7.87 -12.24
N VAL B 58 8.35 7.02 -13.20
CA VAL B 58 9.74 7.00 -13.63
C VAL B 58 10.04 8.23 -14.49
N ALA B 59 9.02 8.76 -15.11
CA ALA B 59 9.13 10.01 -15.82
C ALA B 59 9.51 11.11 -14.85
N PHE B 60 8.73 11.19 -13.77
CA PHE B 60 8.93 12.11 -12.69
C PHE B 60 10.37 12.08 -12.17
N ILE B 61 10.80 10.89 -11.75
CA ILE B 61 12.17 10.68 -11.27
C ILE B 61 13.19 11.21 -12.30
N ALA B 62 13.01 10.83 -13.57
CA ALA B 62 13.96 11.25 -14.59
C ALA B 62 14.09 12.77 -14.64
N ALA B 63 12.98 13.44 -14.80
CA ALA B 63 12.84 14.87 -14.74
C ALA B 63 13.54 15.48 -13.55
N THR B 64 13.26 14.96 -12.36
CA THR B 64 13.77 15.56 -11.13
C THR B 64 15.29 15.43 -11.06
N ARG B 65 15.80 14.33 -11.56
CA ARG B 65 17.23 14.09 -11.59
C ARG B 65 17.87 15.05 -12.54
N PHE B 66 17.13 15.41 -13.57
CA PHE B 66 17.68 16.25 -14.59
C PHE B 66 17.75 17.69 -14.10
N GLY B 67 16.62 18.20 -13.60
CA GLY B 67 16.53 19.63 -13.27
C GLY B 67 16.71 19.93 -11.81
N ARG B 68 16.73 18.89 -10.97
CA ARG B 68 16.96 19.04 -9.54
C ARG B 68 16.06 20.13 -8.97
N THR B 69 14.74 19.94 -9.15
CA THR B 69 13.73 20.92 -8.73
C THR B 69 12.40 20.19 -8.73
N PRO B 70 11.37 20.70 -8.03
CA PRO B 70 10.10 19.95 -8.11
C PRO B 70 9.48 19.99 -9.51
N PHE B 71 8.83 18.90 -9.91
CA PHE B 71 8.14 18.78 -11.18
C PHE B 71 6.70 18.31 -11.02
N VAL B 72 5.84 18.77 -11.92
CA VAL B 72 4.52 18.18 -12.06
C VAL B 72 4.32 17.69 -13.49
N THR B 73 3.29 16.87 -13.66
CA THR B 73 2.95 16.37 -14.96
C THR B 73 1.90 17.29 -15.56
N ALA B 74 2.31 18.05 -16.57
CA ALA B 74 1.38 18.97 -17.21
C ALA B 74 0.50 18.16 -18.15
N SER B 75 1.12 17.19 -18.83
CA SER B 75 0.35 16.42 -19.77
C SER B 75 0.99 15.13 -20.21
N CYS B 76 0.14 14.27 -20.76
CA CYS B 76 0.48 12.92 -21.09
C CYS B 76 -0.03 12.62 -22.50
N GLU B 77 0.84 12.31 -23.44
CA GLU B 77 0.42 12.08 -24.83
C GLU B 77 -0.25 10.74 -24.97
N ARG B 78 -0.98 10.53 -26.06
CA ARG B 78 -1.75 9.29 -26.22
C ARG B 78 -0.88 8.06 -26.13
N ILE B 79 -1.45 7.00 -25.58
CA ILE B 79 -0.71 5.76 -25.37
C ILE B 79 -1.53 4.58 -25.88
N ASP B 80 -0.90 3.67 -26.64
CA ASP B 80 -1.52 2.38 -26.97
C ASP B 80 -1.05 1.26 -26.06
N PHE B 81 -1.98 0.47 -25.56
CA PHE B 81 -1.67 -0.64 -24.69
C PHE B 81 -1.99 -1.96 -25.32
N ARG B 82 -1.13 -2.94 -25.09
CA ARG B 82 -1.46 -4.31 -25.48
C ARG B 82 -1.46 -5.20 -24.27
N GLN B 83 -2.49 -6.01 -24.11
CA GLN B 83 -2.47 -6.88 -22.95
C GLN B 83 -1.82 -8.19 -23.37
N PRO B 84 -0.76 -8.61 -22.69
CA PRO B 84 -0.16 -9.88 -22.97
C PRO B 84 -0.96 -11.04 -22.35
N ALA B 85 -0.47 -12.26 -22.49
CA ALA B 85 -1.10 -13.43 -21.86
C ALA B 85 -0.94 -13.35 -20.33
N ARG B 86 -1.91 -13.96 -19.61
CA ARG B 86 -2.01 -13.91 -18.15
C ARG B 86 -0.82 -14.53 -17.33
N ILE B 87 0.29 -14.81 -18.02
CA ILE B 87 1.53 -15.35 -17.42
C ILE B 87 2.20 -14.33 -16.45
N GLY B 88 3.43 -14.63 -16.05
CA GLY B 88 4.18 -13.72 -15.17
C GLY B 88 5.22 -12.92 -15.92
N HIS B 89 5.50 -11.69 -15.46
CA HIS B 89 6.41 -10.79 -16.18
C HIS B 89 7.36 -9.97 -15.29
N ILE B 90 8.61 -9.80 -15.69
CA ILE B 90 9.35 -8.69 -15.16
C ILE B 90 9.13 -7.48 -16.05
N VAL B 91 8.68 -6.38 -15.46
CA VAL B 91 8.26 -5.21 -16.26
C VAL B 91 9.16 -4.03 -16.03
N GLU B 92 9.76 -3.54 -17.07
CA GLU B 92 10.73 -2.48 -16.93
C GLU B 92 10.24 -1.18 -17.50
N PHE B 93 10.30 -0.13 -16.72
CA PHE B 93 9.92 1.19 -17.17
C PHE B 93 11.18 2.06 -17.31
N THR B 94 11.44 2.53 -18.50
CA THR B 94 12.66 3.36 -18.76
C THR B 94 12.24 4.75 -19.17
N ALA B 95 12.94 5.77 -18.67
CA ALA B 95 12.66 7.14 -19.01
C ALA B 95 13.93 7.87 -19.46
N ARG B 96 13.78 8.71 -20.50
CA ARG B 96 14.83 9.62 -21.00
C ARG B 96 14.23 10.97 -21.25
N PRO B 97 14.88 12.02 -20.78
CA PRO B 97 14.48 13.33 -21.27
C PRO B 97 14.88 13.46 -22.74
N VAL B 98 13.97 13.98 -23.57
CA VAL B 98 14.24 14.09 -25.00
C VAL B 98 14.20 15.52 -25.53
N LYS B 99 13.58 16.42 -24.78
CA LYS B 99 13.60 17.86 -25.08
C LYS B 99 13.44 18.67 -23.79
N ALA B 100 14.00 19.87 -23.79
CA ALA B 100 14.08 20.70 -22.60
C ALA B 100 14.06 22.18 -22.93
N GLY B 101 13.02 22.85 -22.44
CA GLY B 101 12.90 24.30 -22.60
C GLY B 101 13.46 25.06 -21.40
N ARG B 102 12.79 26.15 -21.04
CA ARG B 102 13.07 26.91 -19.81
C ARG B 102 12.52 26.08 -18.66
N ARG B 103 11.29 25.59 -18.82
CA ARG B 103 10.61 24.90 -17.72
C ARG B 103 9.88 23.60 -18.09
N SER B 104 9.74 23.37 -19.40
CA SER B 104 9.11 22.16 -19.93
C SER B 104 10.16 21.15 -20.24
N LEU B 105 9.96 19.96 -19.69
CA LEU B 105 10.81 18.84 -20.03
C LEU B 105 9.94 17.78 -20.68
N THR B 106 10.40 17.29 -21.82
CA THR B 106 9.72 16.18 -22.47
C THR B 106 10.42 14.89 -22.10
N VAL B 107 9.66 13.92 -21.60
CA VAL B 107 10.26 12.68 -21.20
C VAL B 107 9.63 11.51 -21.93
N GLU B 108 10.48 10.64 -22.47
CA GLU B 108 10.03 9.48 -23.22
C GLU B 108 10.12 8.25 -22.36
N VAL B 109 9.04 7.50 -22.30
CA VAL B 109 8.97 6.36 -21.40
C VAL B 109 8.59 5.10 -22.15
N GLU B 110 9.36 4.05 -21.95
CA GLU B 110 9.07 2.77 -22.56
C GLU B 110 8.73 1.79 -21.48
N VAL B 112 8.37 -2.18 -21.04
CA VAL B 112 8.59 -3.46 -21.63
C VAL B 112 8.35 -4.62 -20.67
N ALA B 113 7.51 -5.55 -21.08
CA ALA B 113 7.25 -6.70 -20.25
C ALA B 113 7.93 -7.89 -20.87
N GLU B 114 8.69 -8.63 -20.06
CA GLU B 114 9.33 -9.87 -20.50
C GLU B 114 8.83 -11.02 -19.63
N THR B 115 8.48 -12.16 -20.21
CA THR B 115 8.02 -13.29 -19.40
C THR B 115 9.12 -13.64 -18.43
N ILE B 116 8.71 -14.09 -17.24
CA ILE B 116 9.64 -14.57 -16.25
C ILE B 116 10.22 -15.87 -16.77
N ILE B 117 9.34 -16.76 -17.26
CA ILE B 117 9.77 -18.02 -17.84
C ILE B 117 10.00 -17.78 -19.33
N GLY B 118 11.26 -17.89 -19.77
CA GLY B 118 11.60 -17.71 -21.16
C GLY B 118 12.12 -16.35 -21.60
N ARG B 119 11.80 -15.29 -20.84
CA ARG B 119 12.26 -13.91 -21.21
C ARG B 119 11.84 -13.45 -22.61
N GLN B 120 10.57 -13.66 -22.94
CA GLN B 120 10.06 -13.22 -24.23
C GLN B 120 9.42 -11.86 -24.04
N GLN B 121 9.74 -10.93 -24.93
CA GLN B 121 9.14 -9.61 -24.85
C GLN B 121 7.68 -9.66 -25.33
N HIS B 122 6.76 -9.26 -24.45
CA HIS B 122 5.34 -9.34 -24.74
C HIS B 122 4.71 -7.99 -24.98
N THR B 123 5.26 -6.96 -24.38
CA THR B 123 4.75 -5.62 -24.65
C THR B 123 5.89 -4.69 -24.88
N CYS B 124 5.56 -3.53 -25.41
CA CYS B 124 6.53 -2.53 -25.66
C CYS B 124 5.89 -1.17 -25.86
N THR B 125 5.18 -0.70 -24.84
CA THR B 125 4.41 0.50 -24.90
C THR B 125 5.28 1.76 -24.72
N ARG B 126 5.02 2.78 -25.53
CA ARG B 126 5.79 4.00 -25.46
C ARG B 126 4.87 5.13 -25.00
N GLY B 127 5.34 5.97 -24.09
CA GLY B 127 4.59 7.17 -23.72
C GLY B 127 5.44 8.42 -23.73
N ILE B 128 4.81 9.57 -23.90
CA ILE B 128 5.54 10.81 -23.89
C ILE B 128 4.94 11.71 -22.82
N PHE B 129 5.77 12.14 -21.88
CA PHE B 129 5.30 12.95 -20.76
C PHE B 129 5.87 14.32 -20.78
N HIS B 130 5.02 15.30 -20.55
CA HIS B 130 5.48 16.67 -20.49
C HIS B 130 5.50 17.14 -19.06
N VAL B 132 6.76 19.77 -16.08
CA VAL B 132 7.00 21.20 -15.92
C VAL B 132 7.60 21.40 -14.54
N ALA B 133 8.59 22.28 -14.46
CA ALA B 133 9.30 22.55 -13.23
C ALA B 133 8.53 23.57 -12.44
N ILE B 134 8.33 23.33 -11.16
CA ILE B 134 7.81 24.37 -10.26
C ILE B 134 8.86 24.65 -9.20
N PRO B 135 9.80 25.53 -9.51
CA PRO B 135 10.90 25.79 -8.59
C PRO B 135 10.46 26.57 -7.35
N GLU B 136 11.08 26.24 -6.21
CA GLU B 136 10.86 26.93 -4.94
C GLU B 136 12.13 27.71 -4.55
N GLY B 137 12.02 28.62 -3.59
CA GLY B 137 13.20 29.35 -3.11
C GLY B 137 13.24 30.81 -3.48
N GLU B 138 14.28 31.49 -3.00
CA GLU B 138 14.43 32.93 -3.20
C GLU B 138 14.77 33.29 -4.66
N ASP B 139 15.54 32.42 -5.32
CA ASP B 139 15.96 32.67 -6.69
C ASP B 139 15.12 31.89 -7.71
N ALA B 140 13.92 31.46 -7.30
CA ALA B 140 13.04 30.66 -8.16
C ALA B 140 12.48 31.45 -9.35
N ALA B 141 12.29 32.75 -9.18
CA ALA B 141 11.87 33.60 -10.29
C ALA B 141 12.84 33.49 -11.47
N SER B 142 13.98 32.84 -11.27
CA SER B 142 15.03 32.82 -12.29
C SER B 142 15.56 31.41 -12.54
N TYR B 143 14.76 30.41 -12.20
CA TYR B 143 15.15 29.03 -12.46
C TYR B 143 15.02 28.75 -13.95
N VAL B 144 16.01 28.11 -14.55
CA VAL B 144 15.76 27.47 -15.84
C VAL B 144 16.20 25.99 -15.87
N LEU B 145 15.72 25.22 -16.84
CA LEU B 145 16.29 23.90 -17.02
C LEU B 145 17.59 24.05 -17.78
N PRO B 146 18.53 23.14 -17.51
CA PRO B 146 19.80 23.13 -18.23
C PRO B 146 19.58 22.77 -19.70
N GLU B 147 20.42 23.33 -20.60
CA GLU B 147 20.50 22.78 -21.97
C GLU B 147 20.60 21.22 -21.95
N LEU B 148 19.64 20.54 -22.58
CA LEU B 148 19.70 19.07 -22.81
C LEU B 148 20.67 18.77 -23.95
N LEU B 149 21.56 17.80 -23.76
CA LEU B 149 22.42 17.26 -24.86
C LEU B 149 22.24 15.71 -24.94
N THR B 150 22.77 15.11 -26.02
CA THR B 150 22.53 13.69 -26.32
C THR B 150 23.08 12.74 -25.26
N GLU B 151 22.25 11.78 -24.86
CA GLU B 151 22.67 10.69 -24.00
C GLU B 151 23.81 9.95 -24.66
N GLU B 152 24.90 9.72 -23.91
CA GLU B 152 25.99 8.87 -24.41
C GLU B 152 25.55 7.41 -24.41
N THR B 153 25.93 6.68 -25.46
CA THR B 153 25.68 5.25 -25.55
C THR B 153 26.55 4.61 -24.48
N PRO B 154 25.93 4.13 -23.39
CA PRO B 154 26.76 3.66 -22.28
C PRO B 154 27.12 2.19 -22.48
N ASP B 155 28.42 1.89 -22.42
CA ASP B 155 28.90 0.50 -22.53
C ASP B 155 28.12 -0.41 -21.55
N PRO B 156 27.28 -1.35 -22.08
CA PRO B 156 26.29 -2.11 -21.27
C PRO B 156 26.87 -2.89 -20.10
N SER B 157 26.10 -2.99 -19.03
CA SER B 157 26.49 -3.81 -17.89
C SER B 157 25.68 -5.06 -18.05
N ASP B 158 26.13 -6.14 -17.43
CA ASP B 158 25.30 -7.32 -17.21
C ASP B 158 24.50 -7.04 -15.91
N ALA B 159 24.86 -5.92 -15.26
CA ALA B 159 24.26 -5.50 -14.00
C ALA B 159 22.95 -4.75 -14.20
N VAL B 160 21.91 -5.22 -13.53
CA VAL B 160 20.68 -4.46 -13.32
C VAL B 160 20.92 -3.22 -12.46
N THR B 161 20.48 -2.04 -12.92
CA THR B 161 20.51 -0.79 -12.13
C THR B 161 19.08 -0.26 -12.08
N VAL B 163 15.81 2.03 -9.91
CA VAL B 163 15.43 2.99 -8.87
C VAL B 163 13.98 2.84 -8.43
N GLU B 164 13.64 3.47 -7.32
CA GLU B 164 12.27 3.54 -6.83
C GLU B 164 12.27 4.70 -5.85
N ILE B 165 11.10 5.27 -5.60
CA ILE B 165 11.00 6.33 -4.62
C ILE B 165 10.74 5.70 -3.27
N VAL B 166 11.14 6.38 -2.22
CA VAL B 166 10.85 5.99 -0.84
C VAL B 166 9.47 6.54 -0.45
N PHE B 167 8.54 5.64 -0.14
CA PHE B 167 7.16 6.05 0.16
C PHE B 167 6.98 6.24 1.65
N PRO B 168 6.06 7.13 2.05
CA PRO B 168 5.75 7.32 3.49
C PRO B 168 5.52 5.98 4.24
N ASP B 169 4.79 5.04 3.63
CA ASP B 169 4.55 3.76 4.29
C ASP B 169 5.82 2.98 4.58
N GLN B 170 6.86 3.23 3.82
CA GLN B 170 8.11 2.56 4.08
C GLN B 170 9.02 3.27 5.10
N ALA B 171 8.57 4.43 5.60
CA ALA B 171 9.38 5.19 6.56
C ALA B 171 8.72 5.26 7.95
N ASN B 172 9.57 5.38 8.97
CA ASN B 172 9.13 5.66 10.31
C ASN B 172 8.90 7.16 10.55
N SER B 173 8.41 7.46 11.73
CA SER B 173 8.01 8.83 12.10
C SER B 173 9.21 9.78 12.18
N ALA B 174 10.42 9.23 12.25
CA ALA B 174 11.61 10.05 12.17
C ALA B 174 11.96 10.34 10.71
N GLY B 175 11.13 9.89 9.77
CA GLY B 175 11.36 10.10 8.32
C GLY B 175 12.42 9.18 7.69
N ARG B 176 12.67 8.03 8.31
CA ARG B 176 13.76 7.17 7.90
C ARG B 176 13.17 5.90 7.36
N PHE B 178 12.62 2.15 6.89
CA PHE B 178 12.95 0.96 7.64
C PHE B 178 13.95 0.19 6.84
N GLY B 179 14.97 -0.33 7.50
CA GLY B 179 16.05 -1.05 6.82
C GLY B 179 15.45 -2.32 6.24
N GLY B 180 14.42 -2.84 6.89
CA GLY B 180 13.80 -4.03 6.33
C GLY B 180 13.22 -3.70 4.98
N GLU B 181 12.89 -2.45 4.77
CA GLU B 181 12.20 -2.12 3.55
C GLU B 181 13.25 -1.85 2.47
N ALA B 182 14.42 -1.41 2.89
CA ALA B 182 15.55 -1.31 2.02
C ALA B 182 16.06 -2.68 1.63
N ILE B 183 15.96 -3.63 2.57
CA ILE B 183 16.44 -4.96 2.31
C ILE B 183 15.55 -5.55 1.23
N ALA B 184 14.26 -5.32 1.36
CA ALA B 184 13.28 -5.97 0.45
C ALA B 184 13.50 -5.45 -0.96
N TYR B 185 13.84 -4.20 -1.10
CA TYR B 185 14.15 -3.67 -2.42
C TYR B 185 15.41 -4.38 -2.95
N THR B 187 16.35 -7.36 -2.37
CA THR B 187 15.92 -8.66 -2.72
C THR B 187 15.18 -8.66 -4.03
N LYS B 188 14.17 -7.81 -4.16
CA LYS B 188 13.57 -7.53 -5.48
C LYS B 188 14.66 -7.45 -6.57
N ALA B 189 15.66 -6.59 -6.41
CA ALA B 189 16.72 -6.52 -7.44
C ALA B 189 17.44 -7.86 -7.62
N ALA B 190 17.64 -8.61 -6.55
CA ALA B 190 18.27 -9.93 -6.66
C ALA B 190 17.37 -10.92 -7.43
N PHE B 191 16.07 -10.83 -7.19
CA PHE B 191 15.15 -11.65 -7.94
C PHE B 191 15.21 -11.33 -9.42
N VAL B 192 15.24 -10.04 -9.77
CA VAL B 192 15.30 -9.62 -11.16
C VAL B 192 16.54 -10.19 -11.84
N ALA B 193 17.73 -9.81 -11.39
CA ALA B 193 19.00 -10.34 -11.94
C ALA B 193 19.11 -11.86 -12.03
N ALA B 194 18.85 -12.57 -10.94
CA ALA B 194 18.77 -14.06 -10.98
C ALA B 194 17.86 -14.58 -12.07
N SER B 195 16.64 -14.08 -12.09
CA SER B 195 15.60 -14.64 -12.96
C SER B 195 15.91 -14.36 -14.39
N ARG B 196 16.35 -13.14 -14.66
CA ARG B 196 16.86 -12.79 -16.00
C ARG B 196 17.96 -13.73 -16.43
N TYR B 197 18.87 -14.06 -15.52
CA TYR B 197 20.00 -14.94 -15.86
C TYR B 197 19.55 -16.34 -16.26
N CYS B 198 18.68 -16.95 -15.47
CA CYS B 198 18.35 -18.33 -15.73
C CYS B 198 17.13 -18.52 -16.67
N GLY B 199 16.35 -17.46 -16.88
CA GLY B 199 15.15 -17.56 -17.70
C GLY B 199 13.97 -18.22 -17.00
N LYS B 200 14.06 -18.39 -15.68
CA LYS B 200 13.05 -19.11 -14.94
C LYS B 200 12.62 -18.31 -13.74
N LEU B 201 11.52 -18.75 -13.11
CA LEU B 201 11.15 -18.24 -11.79
C LEU B 201 12.23 -18.58 -10.78
N VAL B 202 12.55 -17.67 -9.88
CA VAL B 202 13.52 -17.97 -8.82
C VAL B 202 12.98 -17.66 -7.43
N VAL B 203 13.58 -18.28 -6.42
CA VAL B 203 13.17 -18.03 -5.03
C VAL B 203 14.36 -17.81 -4.16
N LEU B 204 14.23 -16.89 -3.22
CA LEU B 204 15.23 -16.59 -2.22
C LEU B 204 15.44 -17.79 -1.28
N ALA B 205 16.69 -18.24 -1.16
CA ALA B 205 17.06 -19.34 -0.25
C ALA B 205 17.83 -18.83 0.99
N SER B 206 18.67 -17.81 0.80
CA SER B 206 19.33 -17.19 1.94
C SER B 206 19.87 -15.82 1.63
N SER B 207 20.11 -15.04 2.67
CA SER B 207 20.78 -13.75 2.50
C SER B 207 21.88 -13.62 3.54
N GLU B 208 23.00 -13.03 3.15
CA GLU B 208 24.16 -12.88 4.03
C GLU B 208 23.99 -11.66 4.92
N ARG B 209 24.93 -11.49 5.85
CA ARG B 209 24.99 -10.30 6.69
C ARG B 209 24.89 -9.06 5.82
N ILE B 210 24.04 -8.13 6.22
CA ILE B 210 23.94 -6.84 5.55
C ILE B 210 24.15 -5.76 6.58
N ASP B 211 25.15 -4.91 6.32
CA ASP B 211 25.47 -3.74 7.15
C ASP B 211 25.04 -2.47 6.47
N PHE B 212 24.42 -1.57 7.22
CA PHE B 212 23.92 -0.32 6.66
C PHE B 212 24.84 0.81 7.01
N ALA B 213 25.30 1.57 6.02
CA ALA B 213 26.27 2.66 6.29
C ALA B 213 25.58 3.92 6.75
N ARG B 214 24.45 4.27 6.14
CA ARG B 214 23.65 5.38 6.63
C ARG B 214 22.17 5.04 6.47
N ALA B 215 21.31 5.85 7.08
CA ALA B 215 19.88 5.64 6.98
C ALA B 215 19.38 6.41 5.77
N ILE B 216 18.34 5.85 5.15
CA ILE B 216 17.72 6.40 3.95
C ILE B 216 16.52 7.25 4.34
N GLU B 217 16.44 8.45 3.76
CA GLU B 217 15.37 9.39 4.07
C GLU B 217 14.24 9.49 3.05
N ILE B 218 13.09 9.94 3.55
CA ILE B 218 11.84 10.03 2.80
C ILE B 218 11.91 10.79 1.44
N GLY B 219 12.66 11.89 1.40
CA GLY B 219 12.77 12.67 0.14
C GLY B 219 13.78 12.12 -0.86
N GLU B 220 14.02 10.81 -0.81
CA GLU B 220 15.12 10.22 -1.59
C GLU B 220 14.67 9.06 -2.45
N ILE B 221 15.46 8.79 -3.49
CA ILE B 221 15.30 7.53 -4.20
C ILE B 221 16.34 6.51 -3.77
N VAL B 222 15.96 5.24 -3.74
CA VAL B 222 16.93 4.17 -3.65
C VAL B 222 17.35 3.77 -5.08
N GLU B 223 18.59 3.32 -5.22
CA GLU B 223 19.07 2.73 -6.46
C GLU B 223 19.76 1.41 -6.17
N ALA B 224 19.20 0.32 -6.68
CA ALA B 224 19.79 -1.01 -6.47
C ALA B 224 20.54 -1.50 -7.69
N GLN B 225 21.71 -2.09 -7.48
CA GLN B 225 22.52 -2.66 -8.58
C GLN B 225 22.74 -4.11 -8.22
N ALA B 226 22.38 -5.00 -9.12
CA ALA B 226 22.37 -6.41 -8.81
C ALA B 226 22.91 -7.16 -9.99
N HIS B 227 23.78 -8.13 -9.73
CA HIS B 227 24.38 -8.94 -10.80
C HIS B 227 24.81 -10.26 -10.25
N VAL B 228 24.88 -11.27 -11.10
CA VAL B 228 25.18 -12.62 -10.66
C VAL B 228 26.66 -12.73 -10.43
N GLU B 229 27.04 -13.25 -9.27
CA GLU B 229 28.44 -13.45 -8.90
C GLU B 229 28.93 -14.84 -9.22
N ARG B 230 28.16 -15.86 -8.81
CA ARG B 230 28.51 -17.24 -9.09
C ARG B 230 27.28 -18.12 -9.34
N VAL B 231 27.47 -19.19 -10.08
CA VAL B 231 26.39 -20.06 -10.50
C VAL B 231 26.66 -21.49 -10.06
N GLY B 232 25.78 -22.03 -9.24
CA GLY B 232 25.83 -23.45 -8.88
C GLY B 232 25.06 -24.27 -9.89
N ARG B 233 24.71 -25.49 -9.51
CA ARG B 233 23.90 -26.34 -10.36
C ARG B 233 22.54 -25.66 -10.47
N SER B 234 21.83 -25.56 -9.34
CA SER B 234 20.51 -24.93 -9.39
C SER B 234 20.40 -23.51 -8.76
N SER B 235 21.45 -23.04 -8.12
CA SER B 235 21.38 -21.74 -7.44
C SER B 235 22.35 -20.73 -8.01
N SER B 237 24.33 -16.88 -6.73
CA SER B 237 24.63 -15.89 -5.73
C SER B 237 24.72 -14.49 -6.36
N ILE B 238 23.86 -13.62 -5.86
CA ILE B 238 23.66 -12.31 -6.43
C ILE B 238 24.18 -11.32 -5.44
N GLN B 239 24.99 -10.37 -5.94
CA GLN B 239 25.40 -9.25 -5.14
C GLN B 239 24.50 -8.10 -5.45
N THR B 240 24.11 -7.34 -4.43
CA THR B 240 23.33 -6.13 -4.64
C THR B 240 23.96 -5.02 -3.87
N LYS B 241 24.01 -3.86 -4.49
CA LYS B 241 24.56 -2.65 -3.87
C LYS B 241 23.40 -1.69 -3.83
N LEU B 242 23.19 -1.05 -2.68
CA LEU B 242 22.08 -0.11 -2.52
C LEU B 242 22.58 1.32 -2.30
N TRP B 243 22.11 2.26 -3.11
CA TRP B 243 22.48 3.68 -2.97
C TRP B 243 21.27 4.52 -2.66
N SER B 244 21.45 5.67 -2.03
CA SER B 244 20.38 6.61 -1.91
C SER B 244 20.82 7.83 -2.66
N GLU B 245 19.84 8.56 -3.17
CA GLU B 245 20.11 9.78 -3.88
C GLU B 245 19.04 10.76 -3.47
N ASN B 246 19.49 11.96 -3.12
CA ASN B 246 18.57 13.03 -2.80
C ASN B 246 18.07 13.61 -4.10
N LEU B 247 16.75 13.62 -4.28
CA LEU B 247 16.17 14.03 -5.54
C LEU B 247 16.52 15.46 -5.94
N LEU B 248 16.45 16.39 -4.99
CA LEU B 248 16.59 17.79 -5.31
C LEU B 248 18.05 18.23 -5.36
N THR B 249 18.89 17.65 -4.51
CA THR B 249 20.30 18.06 -4.42
C THR B 249 21.17 17.16 -5.30
N GLY B 250 20.82 15.88 -5.39
CA GLY B 250 21.61 14.91 -6.16
C GLY B 250 22.63 14.11 -5.35
N GLU B 251 22.63 14.32 -4.04
CA GLU B 251 23.63 13.73 -3.18
C GLU B 251 23.44 12.20 -3.11
N ARG B 252 24.46 11.45 -3.51
CA ARG B 252 24.43 10.00 -3.45
C ARG B 252 25.35 9.47 -2.36
N HIS B 253 24.96 8.34 -1.79
CA HIS B 253 25.79 7.60 -0.84
C HIS B 253 25.45 6.14 -0.99
N ILE B 254 26.51 5.33 -0.95
CA ILE B 254 26.34 3.88 -0.86
C ILE B 254 25.73 3.62 0.52
N THR B 255 24.76 2.74 0.57
CA THR B 255 24.01 2.53 1.79
C THR B 255 24.24 1.14 2.35
N ALA B 256 24.27 0.14 1.48
CA ALA B 256 24.40 -1.26 1.87
C ALA B 256 24.85 -2.13 0.71
N THR B 257 25.54 -3.22 1.04
CA THR B 257 25.82 -4.28 0.09
C THR B 257 25.29 -5.58 0.65
N GLY B 258 24.59 -6.37 -0.17
CA GLY B 258 24.02 -7.62 0.26
C GLY B 258 24.35 -8.73 -0.71
N HIS B 259 24.38 -9.95 -0.22
CA HIS B 259 24.55 -11.12 -1.08
C HIS B 259 23.37 -12.03 -0.80
N PHE B 260 22.64 -12.37 -1.85
CA PHE B 260 21.48 -13.25 -1.76
C PHE B 260 21.69 -14.52 -2.56
N THR B 261 21.17 -15.63 -2.02
CA THR B 261 21.22 -16.86 -2.78
C THR B 261 19.84 -17.13 -3.32
N VAL B 263 17.30 -19.62 -5.88
CA VAL B 263 17.24 -20.95 -6.45
C VAL B 263 16.25 -20.97 -7.61
N ALA B 264 16.66 -21.56 -8.74
CA ALA B 264 15.77 -21.71 -9.90
C ALA B 264 14.73 -22.78 -9.64
N VAL B 265 13.50 -22.55 -10.10
CA VAL B 265 12.38 -23.43 -9.80
C VAL B 265 11.55 -23.75 -11.06
N ASP B 266 10.89 -24.92 -11.05
CA ASP B 266 9.96 -25.39 -12.10
C ASP B 266 8.53 -24.92 -11.84
N ARG B 270 9.50 -26.40 -7.20
CA ARG B 270 10.51 -27.48 -7.22
C ARG B 270 11.79 -27.13 -8.02
N PRO B 271 12.99 -27.20 -7.36
CA PRO B 271 14.31 -26.75 -7.89
C PRO B 271 14.62 -27.24 -9.28
N ALA B 272 15.35 -26.43 -10.02
CA ALA B 272 15.67 -26.74 -11.42
C ALA B 272 17.12 -26.39 -11.79
N THR B 273 17.55 -26.82 -12.98
CA THR B 273 18.93 -26.62 -13.45
C THR B 273 19.05 -25.25 -14.11
N ILE B 274 20.05 -24.46 -13.71
CA ILE B 274 20.15 -23.05 -14.14
C ILE B 274 20.73 -22.91 -15.55
N ILE C 19 18.84 8.74 39.15
CA ILE C 19 20.17 8.67 38.48
C ILE C 19 20.22 7.56 37.42
N GLU C 20 19.59 6.41 37.69
CA GLU C 20 19.86 5.22 36.91
C GLU C 20 18.57 4.53 36.45
N LYS C 21 18.31 4.53 35.14
CA LYS C 21 17.14 3.86 34.55
C LYS C 21 17.00 2.48 35.16
N PRO C 22 15.78 2.10 35.53
CA PRO C 22 15.75 0.75 36.08
C PRO C 22 15.80 -0.29 35.00
N ALA C 23 16.30 -1.48 35.35
CA ALA C 23 16.40 -2.61 34.44
C ALA C 23 15.04 -3.04 33.91
N GLN C 24 15.03 -3.69 32.75
CA GLN C 24 13.78 -4.12 32.11
C GLN C 24 13.77 -5.56 31.60
N HIS C 25 12.65 -6.23 31.79
CA HIS C 25 12.45 -7.58 31.29
C HIS C 25 12.19 -7.54 29.78
N GLY C 26 12.76 -8.52 29.07
CA GLY C 26 12.63 -8.59 27.61
C GLY C 26 11.29 -9.18 27.20
N ALA C 27 10.39 -8.32 26.74
CA ALA C 27 9.08 -8.79 26.31
C ALA C 27 9.09 -9.35 24.86
N THR C 28 8.15 -10.26 24.57
CA THR C 28 8.00 -10.74 23.21
C THR C 28 6.90 -9.97 22.51
N THR C 29 7.24 -9.38 21.36
CA THR C 29 6.32 -8.71 20.46
C THR C 29 5.98 -9.60 19.25
N ARG C 30 4.69 -9.71 18.93
CA ARG C 30 4.22 -10.56 17.84
C ARG C 30 3.47 -9.74 16.80
N LEU C 31 3.78 -10.02 15.54
CA LEU C 31 3.17 -9.38 14.41
C LEU C 31 2.71 -10.51 13.50
N ILE C 32 1.46 -10.48 13.04
CA ILE C 32 0.86 -11.59 12.30
C ILE C 32 0.29 -11.18 10.97
N ASP C 33 0.65 -11.91 9.92
CA ASP C 33 0.18 -11.62 8.57
C ASP C 33 -0.45 -12.85 7.94
N ILE C 34 -1.55 -12.67 7.19
CA ILE C 34 -2.20 -13.79 6.52
C ILE C 34 -1.87 -13.83 5.02
N VAL C 35 -1.48 -15.01 4.54
CA VAL C 35 -1.35 -15.24 3.12
C VAL C 35 -2.44 -16.21 2.73
N PHE C 36 -3.38 -15.77 1.91
CA PHE C 36 -4.55 -16.58 1.54
C PHE C 36 -4.25 -17.62 0.49
N PRO C 37 -5.01 -18.72 0.49
CA PRO C 37 -4.82 -19.77 -0.50
C PRO C 37 -4.93 -19.22 -1.89
N GLY C 38 -3.98 -19.53 -2.74
CA GLY C 38 -4.03 -19.02 -4.10
C GLY C 38 -3.55 -17.59 -4.32
N ASP C 39 -3.22 -16.85 -3.26
CA ASP C 39 -2.60 -15.52 -3.50
C ASP C 39 -1.10 -15.59 -3.83
N THR C 40 -0.77 -15.79 -5.12
CA THR C 40 0.64 -16.05 -5.51
C THR C 40 1.55 -14.84 -5.34
N ASN C 41 0.99 -13.63 -5.40
CA ASN C 41 1.80 -12.42 -5.23
C ASN C 41 2.28 -12.26 -3.78
N HIS C 42 1.33 -12.32 -2.86
CA HIS C 42 1.68 -12.23 -1.45
C HIS C 42 2.62 -13.37 -1.06
N HIS C 43 2.25 -14.60 -1.42
CA HIS C 43 3.09 -15.75 -1.17
C HIS C 43 4.53 -15.50 -1.66
N GLY C 44 4.66 -15.01 -2.90
CA GLY C 44 5.95 -14.87 -3.54
C GLY C 44 6.78 -13.76 -2.94
N THR C 45 6.13 -12.77 -2.34
CA THR C 45 6.84 -11.64 -1.72
C THR C 45 7.08 -11.92 -0.24
N LEU C 46 6.09 -12.54 0.41
CA LEU C 46 6.22 -12.81 1.82
C LEU C 46 7.31 -13.83 2.09
N PHE C 47 7.27 -14.95 1.37
CA PHE C 47 8.36 -15.92 1.46
C PHE C 47 9.43 -15.43 0.51
N GLY C 48 9.99 -14.28 0.87
CA GLY C 48 10.85 -13.49 0.01
C GLY C 48 11.07 -12.19 0.77
N GLY C 49 11.18 -11.10 0.04
CA GLY C 49 11.69 -9.86 0.60
C GLY C 49 10.74 -9.32 1.61
N THR C 50 9.45 -9.37 1.30
CA THR C 50 8.47 -8.85 2.25
C THR C 50 8.62 -9.55 3.60
N GLY C 51 8.82 -10.85 3.58
CA GLY C 51 9.02 -11.56 4.81
C GLY C 51 10.15 -11.00 5.61
N LEU C 52 11.20 -10.60 4.88
CA LEU C 52 12.30 -9.91 5.52
C LEU C 52 11.80 -8.64 6.17
N ALA C 53 11.18 -7.79 5.38
CA ALA C 53 10.74 -6.46 5.85
C ALA C 53 9.89 -6.58 7.14
N LEU C 54 9.06 -7.62 7.23
CA LEU C 54 8.24 -7.81 8.39
C LEU C 54 9.08 -8.20 9.59
N ASP C 56 12.11 -7.34 10.10
CA ASP C 56 12.62 -6.06 10.56
C ASP C 56 11.59 -5.19 11.30
N ARG C 57 10.41 -5.03 10.76
CA ARG C 57 9.43 -4.22 11.42
C ARG C 57 9.17 -4.67 12.86
N VAL C 58 8.97 -5.97 13.10
CA VAL C 58 8.66 -6.44 14.45
C VAL C 58 9.88 -6.28 15.35
N ALA C 59 11.06 -6.48 14.79
CA ALA C 59 12.28 -6.14 15.55
C ALA C 59 12.28 -4.67 15.94
N PHE C 60 11.90 -3.80 15.01
CA PHE C 60 11.95 -2.35 15.24
C PHE C 60 10.99 -1.98 16.35
N ILE C 61 9.77 -2.52 16.30
CA ILE C 61 8.82 -2.34 17.39
C ILE C 61 9.40 -2.81 18.73
N ALA C 62 9.98 -4.00 18.77
CA ALA C 62 10.45 -4.55 20.03
C ALA C 62 11.46 -3.61 20.62
N ALA C 63 12.42 -3.20 19.77
CA ALA C 63 13.48 -2.30 20.19
C ALA C 63 12.89 -1.06 20.77
N THR C 64 11.87 -0.53 20.13
CA THR C 64 11.40 0.80 20.46
C THR C 64 10.66 0.76 21.75
N ARG C 65 9.93 -0.32 21.96
CA ARG C 65 9.26 -0.60 23.21
C ARG C 65 10.24 -0.70 24.35
N PHE C 66 11.43 -1.28 24.07
CA PHE C 66 12.40 -1.52 25.10
C PHE C 66 13.07 -0.22 25.52
N GLY C 67 13.62 0.51 24.57
CA GLY C 67 14.45 1.64 24.87
C GLY C 67 13.75 2.96 24.75
N ARG C 68 12.46 2.90 24.36
CA ARG C 68 11.64 4.10 24.25
C ARG C 68 12.37 5.28 23.64
N THR C 69 12.95 5.08 22.46
CA THR C 69 13.77 6.09 21.76
C THR C 69 13.79 5.66 20.29
N PRO C 70 14.14 6.58 19.36
CA PRO C 70 14.19 6.14 17.96
C PRO C 70 15.26 5.06 17.74
N PHE C 71 14.96 4.07 16.89
CA PHE C 71 15.95 3.08 16.47
C PHE C 71 16.19 3.00 14.95
N VAL C 72 17.38 2.58 14.55
CA VAL C 72 17.63 2.19 13.16
C VAL C 72 18.18 0.76 13.14
N THR C 73 18.21 0.19 11.94
CA THR C 73 18.78 -1.12 11.75
C THR C 73 20.22 -0.97 11.26
N ALA C 74 21.18 -1.33 12.12
CA ALA C 74 22.58 -1.19 11.79
C ALA C 74 22.96 -2.39 10.96
N SER C 75 22.42 -3.54 11.31
CA SER C 75 22.72 -4.70 10.56
C SER C 75 21.81 -5.87 10.83
N CYS C 76 21.86 -6.80 9.89
CA CYS C 76 21.00 -7.94 9.82
C CYS C 76 21.89 -9.17 9.60
N GLU C 77 21.80 -10.16 10.48
CA GLU C 77 22.65 -11.34 10.29
C GLU C 77 22.10 -12.26 9.20
N ARG C 78 22.94 -13.13 8.66
CA ARG C 78 22.49 -14.11 7.67
C ARG C 78 21.23 -14.84 8.10
N ILE C 79 20.35 -15.05 7.12
CA ILE C 79 19.09 -15.71 7.29
C ILE C 79 18.90 -16.76 6.21
N ASP C 80 18.40 -17.93 6.58
CA ASP C 80 18.03 -18.99 5.63
C ASP C 80 16.52 -19.06 5.50
N PHE C 81 16.06 -19.23 4.27
CA PHE C 81 14.65 -19.24 3.96
C PHE C 81 14.26 -20.52 3.31
N ARG C 82 13.08 -21.03 3.63
CA ARG C 82 12.55 -22.20 2.90
C ARG C 82 11.14 -21.88 2.46
N GLN C 83 10.83 -22.11 1.20
CA GLN C 83 9.49 -21.75 0.73
C GLN C 83 8.56 -22.91 0.88
N PRO C 84 7.46 -22.68 1.58
CA PRO C 84 6.53 -23.78 1.78
C PRO C 84 5.73 -24.03 0.48
N ALA C 85 4.82 -25.01 0.54
CA ALA C 85 3.89 -25.23 -0.57
C ALA C 85 3.01 -23.98 -0.75
N ARG C 86 2.55 -23.77 -1.99
CA ARG C 86 1.76 -22.58 -2.33
C ARG C 86 0.35 -22.42 -1.69
N ILE C 87 0.02 -23.22 -0.67
CA ILE C 87 -1.27 -23.10 0.05
C ILE C 87 -1.36 -21.79 0.85
N GLY C 88 -2.28 -21.75 1.81
CA GLY C 88 -2.49 -20.56 2.68
C GLY C 88 -1.90 -20.63 4.09
N HIS C 89 -1.39 -19.50 4.57
CA HIS C 89 -0.68 -19.52 5.84
C HIS C 89 -0.99 -18.36 6.74
N ILE C 90 -1.19 -18.65 8.03
CA ILE C 90 -1.03 -17.62 9.06
C ILE C 90 0.45 -17.52 9.44
N VAL C 91 1.04 -16.36 9.29
CA VAL C 91 2.49 -16.25 9.54
C VAL C 91 2.76 -15.33 10.69
N GLU C 92 3.53 -15.81 11.66
CA GLU C 92 3.76 -15.03 12.88
C GLU C 92 5.20 -14.60 13.02
N PHE C 93 5.43 -13.34 13.30
CA PHE C 93 6.79 -12.84 13.46
C PHE C 93 6.97 -12.32 14.87
N THR C 94 7.77 -13.03 15.67
CA THR C 94 7.98 -12.71 17.08
C THR C 94 9.39 -12.08 17.24
N ALA C 95 9.51 -11.14 18.17
CA ALA C 95 10.79 -10.55 18.44
C ALA C 95 10.99 -10.47 19.93
N ARG C 96 12.20 -10.84 20.37
CA ARG C 96 12.74 -10.61 21.70
C ARG C 96 14.05 -9.86 21.63
N PRO C 97 14.26 -8.89 22.51
CA PRO C 97 15.64 -8.47 22.78
C PRO C 97 16.45 -9.52 23.52
N VAL C 98 17.67 -9.77 23.05
CA VAL C 98 18.49 -10.80 23.65
C VAL C 98 19.79 -10.28 24.23
N LYS C 99 20.19 -9.08 23.83
CA LYS C 99 21.40 -8.44 24.40
C LYS C 99 21.26 -6.94 24.27
N ALA C 100 21.87 -6.18 25.18
CA ALA C 100 21.72 -4.73 25.22
C ALA C 100 22.95 -4.02 25.76
N GLY C 101 23.51 -3.14 24.96
CA GLY C 101 24.71 -2.42 25.37
C GLY C 101 24.29 -1.07 25.91
N ARG C 102 25.04 -0.03 25.53
CA ARG C 102 24.63 1.35 25.80
C ARG C 102 23.64 1.78 24.74
N ARG C 103 23.93 1.41 23.49
CA ARG C 103 23.10 1.83 22.37
C ARG C 103 22.72 0.74 21.38
N SER C 104 23.42 -0.39 21.46
CA SER C 104 23.18 -1.52 20.60
C SER C 104 22.17 -2.42 21.24
N LEU C 105 21.16 -2.80 20.48
CA LEU C 105 20.21 -3.80 20.97
C LEU C 105 20.19 -4.93 20.00
N THR C 106 20.42 -6.13 20.49
CA THR C 106 20.29 -7.32 19.65
C THR C 106 18.88 -7.87 19.82
N VAL C 107 18.17 -8.01 18.70
CA VAL C 107 16.84 -8.57 18.70
C VAL C 107 16.77 -9.86 17.88
N GLU C 108 16.13 -10.88 18.44
CA GLU C 108 16.02 -12.16 17.80
C GLU C 108 14.62 -12.29 17.26
N VAL C 109 14.51 -12.61 15.98
CA VAL C 109 13.19 -12.72 15.36
C VAL C 109 12.92 -14.09 14.80
N GLU C 110 11.76 -14.64 15.12
CA GLU C 110 11.35 -15.91 14.56
C GLU C 110 10.15 -15.74 13.63
N VAL C 112 7.34 -17.86 11.71
CA VAL C 112 6.74 -19.17 11.62
C VAL C 112 5.46 -19.18 10.79
N ALA C 113 5.39 -20.04 9.81
CA ALA C 113 4.19 -20.11 9.01
C ALA C 113 3.43 -21.37 9.36
N GLU C 114 2.15 -21.27 9.71
CA GLU C 114 1.30 -22.43 9.90
C GLU C 114 0.21 -22.46 8.84
N THR C 115 -0.12 -23.64 8.30
CA THR C 115 -1.23 -23.71 7.32
C THR C 115 -2.52 -23.23 7.94
N ILE C 116 -3.37 -22.60 7.14
CA ILE C 116 -4.66 -22.12 7.60
C ILE C 116 -5.50 -23.37 7.77
N ILE C 117 -5.52 -24.20 6.73
CA ILE C 117 -6.10 -25.53 6.84
C ILE C 117 -5.13 -26.50 7.52
N GLY C 118 -5.43 -26.89 8.76
CA GLY C 118 -4.69 -27.96 9.44
C GLY C 118 -3.75 -27.46 10.52
N ARG C 119 -3.35 -26.20 10.42
CA ARG C 119 -2.40 -25.63 11.36
C ARG C 119 -1.08 -26.40 11.46
N GLN C 120 -0.48 -26.75 10.32
CA GLN C 120 0.81 -27.44 10.34
C GLN C 120 1.91 -26.44 10.13
N GLN C 121 2.94 -26.52 10.97
CA GLN C 121 4.06 -25.63 10.81
C GLN C 121 4.83 -26.02 9.55
N HIS C 122 5.10 -25.06 8.68
CA HIS C 122 5.78 -25.37 7.45
C HIS C 122 7.14 -24.70 7.42
N THR C 123 7.33 -23.65 8.18
CA THR C 123 8.62 -22.98 8.09
C THR C 123 8.94 -22.46 9.45
N CYS C 124 10.18 -22.03 9.65
CA CYS C 124 10.59 -21.63 10.96
C CYS C 124 11.92 -20.95 10.85
N THR C 125 11.93 -19.76 10.28
CA THR C 125 13.17 -19.05 10.01
C THR C 125 13.54 -18.14 11.18
N ARG C 126 14.80 -18.07 11.50
CA ARG C 126 15.24 -17.22 12.60
C ARG C 126 16.16 -16.16 12.08
N GLY C 127 16.01 -14.94 12.57
CA GLY C 127 16.88 -13.81 12.18
C GLY C 127 17.37 -13.05 13.39
N ILE C 128 18.59 -12.48 13.30
CA ILE C 128 19.16 -11.68 14.35
C ILE C 128 19.34 -10.28 13.81
N PHE C 129 18.74 -9.31 14.51
CA PHE C 129 18.79 -7.89 14.14
C PHE C 129 19.53 -7.03 15.14
N HIS C 130 20.40 -6.17 14.63
CA HIS C 130 21.17 -5.29 15.47
C HIS C 130 20.64 -3.88 15.30
N VAL C 132 20.20 0.00 16.70
CA VAL C 132 20.97 1.02 17.36
C VAL C 132 20.05 2.17 17.64
N ALA C 133 20.15 2.71 18.84
CA ALA C 133 19.35 3.85 19.26
C ALA C 133 19.94 5.14 18.72
N ILE C 134 19.09 6.00 18.18
CA ILE C 134 19.49 7.38 17.88
C ILE C 134 18.62 8.31 18.70
N PRO C 135 19.06 8.61 19.94
CA PRO C 135 18.26 9.44 20.81
C PRO C 135 18.28 10.92 20.39
N GLU C 136 17.14 11.57 20.60
CA GLU C 136 16.94 13.00 20.33
C GLU C 136 16.70 13.73 21.68
N GLY C 137 16.81 15.06 21.67
CA GLY C 137 16.59 15.88 22.89
C GLY C 137 17.86 16.52 23.43
N GLU C 138 17.75 17.34 24.47
CA GLU C 138 18.95 17.96 25.11
C GLU C 138 19.88 16.92 25.77
N ASP C 139 19.26 15.94 26.46
CA ASP C 139 20.00 14.91 27.17
C ASP C 139 20.28 13.70 26.27
N ALA C 140 20.55 14.00 24.99
CA ALA C 140 20.84 13.01 23.95
C ALA C 140 22.20 12.36 24.23
N ALA C 141 23.25 13.19 24.35
CA ALA C 141 24.61 12.71 24.56
C ALA C 141 24.73 11.75 25.76
N SER C 142 23.87 11.93 26.77
CA SER C 142 23.85 11.13 27.99
C SER C 142 22.88 9.94 27.96
N TYR C 143 22.39 9.56 26.80
CA TYR C 143 21.38 8.51 26.78
C TYR C 143 22.01 7.11 26.86
N VAL C 144 21.68 6.34 27.88
CA VAL C 144 22.06 4.94 27.81
C VAL C 144 20.81 4.09 27.78
N LEU C 145 20.88 2.98 27.03
CA LEU C 145 19.87 1.91 27.08
C LEU C 145 19.71 1.41 28.52
N PRO C 146 18.50 0.97 28.92
CA PRO C 146 18.30 0.30 30.21
C PRO C 146 19.00 -1.01 30.26
N GLU C 147 19.10 -1.60 31.43
CA GLU C 147 19.70 -2.92 31.54
C GLU C 147 18.62 -3.94 31.20
N LEU C 148 19.00 -5.02 30.53
CA LEU C 148 18.04 -6.06 30.11
C LEU C 148 18.08 -7.30 31.02
N LEU C 149 16.94 -7.66 31.60
CA LEU C 149 16.86 -8.91 32.32
C LEU C 149 16.18 -9.85 31.39
N THR C 150 16.25 -11.16 31.62
CA THR C 150 15.47 -12.05 30.77
C THR C 150 14.05 -12.09 31.29
N GLU C 151 13.08 -12.24 30.38
CA GLU C 151 11.68 -12.46 30.77
C GLU C 151 11.58 -13.82 31.44
N GLU C 152 10.39 -14.11 31.99
CA GLU C 152 10.08 -15.46 32.43
C GLU C 152 9.09 -16.03 31.41
N THR C 153 9.51 -17.10 30.73
CA THR C 153 8.69 -17.80 29.73
C THR C 153 7.29 -18.16 30.27
N PRO C 154 6.20 -17.52 29.76
CA PRO C 154 4.81 -17.73 30.28
C PRO C 154 3.95 -18.78 29.53
N ASP C 155 2.91 -19.30 30.21
CA ASP C 155 2.13 -20.47 29.75
C ASP C 155 1.79 -20.53 28.24
N ALA C 159 -5.73 -17.45 23.11
CA ALA C 159 -5.72 -15.97 23.13
C ALA C 159 -4.54 -15.35 22.36
N VAL C 160 -4.83 -14.67 21.24
CA VAL C 160 -3.85 -14.00 20.36
C VAL C 160 -3.52 -12.52 20.65
N THR C 161 -2.23 -12.13 20.51
CA THR C 161 -1.73 -10.76 20.79
C THR C 161 -0.79 -10.17 19.73
N VAL C 163 0.68 -6.87 17.34
CA VAL C 163 0.80 -5.46 17.17
C VAL C 163 1.05 -5.18 15.71
N GLU C 164 0.81 -3.95 15.32
CA GLU C 164 1.16 -3.45 14.00
C GLU C 164 1.33 -1.95 14.16
N ILE C 165 2.18 -1.36 13.33
CA ILE C 165 2.37 0.06 13.33
C ILE C 165 1.21 0.70 12.58
N VAL C 166 0.89 1.94 12.94
CA VAL C 166 -0.08 2.76 12.20
C VAL C 166 0.67 3.48 11.06
N PHE C 167 0.28 3.20 9.82
CA PHE C 167 0.93 3.76 8.64
C PHE C 167 0.25 5.04 8.20
N PRO C 168 1.01 5.94 7.57
CA PRO C 168 0.41 7.17 7.03
C PRO C 168 -0.86 6.93 6.24
N ASP C 169 -0.87 5.93 5.38
CA ASP C 169 -2.04 5.66 4.52
C ASP C 169 -3.25 5.29 5.31
N GLN C 170 -3.06 4.87 6.55
CA GLN C 170 -4.22 4.55 7.41
C GLN C 170 -4.69 5.73 8.22
N ALA C 171 -4.06 6.88 8.05
CA ALA C 171 -4.37 8.04 8.87
C ALA C 171 -4.84 9.22 8.04
N ASN C 172 -5.67 10.07 8.64
CA ASN C 172 -6.17 11.26 7.97
C ASN C 172 -5.22 12.41 8.17
N SER C 173 -5.57 13.55 7.61
CA SER C 173 -4.65 14.69 7.62
C SER C 173 -4.55 15.32 9.01
N ALA C 174 -5.43 14.93 9.92
CA ALA C 174 -5.29 15.34 11.31
C ALA C 174 -4.32 14.40 12.06
N GLY C 175 -3.80 13.37 11.38
CA GLY C 175 -2.87 12.45 12.01
C GLY C 175 -3.55 11.31 12.75
N ARG C 176 -4.84 11.12 12.50
CA ARG C 176 -5.62 10.13 13.24
C ARG C 176 -5.93 8.96 12.34
N PHE C 178 -8.02 6.22 10.72
CA PHE C 178 -9.44 6.03 10.45
C PHE C 178 -9.96 4.89 11.31
N GLY C 179 -11.07 5.12 11.99
CA GLY C 179 -11.69 4.07 12.75
C GLY C 179 -11.93 2.78 11.95
N GLY C 180 -12.25 2.94 10.68
CA GLY C 180 -12.42 1.76 9.83
C GLY C 180 -11.17 0.90 9.80
N GLU C 181 -10.03 1.58 9.79
CA GLU C 181 -8.77 0.92 9.67
C GLU C 181 -8.44 0.21 10.97
N ALA C 182 -8.75 0.87 12.08
CA ALA C 182 -8.70 0.16 13.35
C ALA C 182 -9.70 -1.02 13.39
N ILE C 183 -10.83 -0.90 12.71
CA ILE C 183 -11.77 -2.02 12.79
C ILE C 183 -11.21 -3.21 12.03
N ALA C 184 -10.66 -2.95 10.86
CA ALA C 184 -10.09 -3.99 10.03
C ALA C 184 -9.05 -4.79 10.77
N TYR C 185 -8.19 -4.10 11.51
CA TYR C 185 -7.14 -4.77 12.28
C TYR C 185 -7.75 -5.68 13.33
N THR C 187 -10.50 -7.10 12.94
CA THR C 187 -11.11 -8.19 12.19
C THR C 187 -10.00 -9.17 11.81
N LYS C 188 -8.86 -8.65 11.43
CA LYS C 188 -7.73 -9.50 11.13
C LYS C 188 -7.40 -10.40 12.33
N ALA C 189 -7.24 -9.78 13.50
CA ALA C 189 -7.11 -10.54 14.74
C ALA C 189 -8.27 -11.54 14.94
N ALA C 190 -9.48 -11.18 14.58
CA ALA C 190 -10.61 -12.08 14.83
C ALA C 190 -10.47 -13.32 13.97
N PHE C 191 -9.93 -13.12 12.77
CA PHE C 191 -9.81 -14.16 11.80
C PHE C 191 -8.74 -15.10 12.31
N VAL C 192 -7.59 -14.52 12.72
CA VAL C 192 -6.46 -15.29 13.24
C VAL C 192 -6.91 -16.22 14.36
N ALA C 193 -7.61 -15.69 15.36
CA ALA C 193 -8.04 -16.50 16.49
C ALA C 193 -9.01 -17.58 16.05
N ALA C 194 -10.07 -17.22 15.33
CA ALA C 194 -11.10 -18.17 14.89
C ALA C 194 -10.53 -19.32 14.07
N SER C 195 -9.61 -18.97 13.18
CA SER C 195 -9.05 -19.92 12.23
C SER C 195 -8.16 -20.88 12.97
N ARG C 196 -7.26 -20.34 13.79
CA ARG C 196 -6.47 -21.19 14.68
C ARG C 196 -7.39 -22.15 15.49
N TYR C 197 -8.53 -21.67 15.94
CA TYR C 197 -9.37 -22.49 16.77
C TYR C 197 -9.97 -23.69 16.03
N CYS C 198 -10.45 -23.49 14.81
CA CYS C 198 -11.13 -24.55 14.10
C CYS C 198 -10.22 -25.28 13.10
N GLY C 199 -9.07 -24.70 12.80
CA GLY C 199 -8.11 -25.32 11.87
C GLY C 199 -8.50 -25.20 10.41
N LYS C 200 -9.54 -24.41 10.15
CA LYS C 200 -10.04 -24.20 8.81
C LYS C 200 -10.05 -22.73 8.45
N LEU C 201 -10.31 -22.45 7.18
CA LEU C 201 -10.48 -21.09 6.70
C LEU C 201 -11.79 -20.60 7.29
N VAL C 202 -11.82 -19.32 7.65
CA VAL C 202 -13.05 -18.76 8.22
C VAL C 202 -13.38 -17.48 7.46
N VAL C 203 -14.67 -17.12 7.50
CA VAL C 203 -15.15 -15.85 6.95
C VAL C 203 -16.00 -15.08 7.94
N LEU C 204 -15.96 -13.76 7.82
CA LEU C 204 -16.73 -12.85 8.65
C LEU C 204 -18.23 -12.94 8.34
N ALA C 205 -19.06 -13.13 9.35
CA ALA C 205 -20.53 -13.18 9.15
C ALA C 205 -21.22 -11.94 9.70
N SER C 206 -20.74 -11.44 10.83
CA SER C 206 -21.30 -10.21 11.39
C SER C 206 -20.39 -9.63 12.45
N SER C 207 -20.46 -8.31 12.62
CA SER C 207 -19.80 -7.61 13.71
C SER C 207 -20.81 -6.83 14.55
N GLU C 208 -20.55 -6.73 15.84
CA GLU C 208 -21.45 -6.04 16.76
C GLU C 208 -21.06 -4.58 16.85
N ARG C 209 -21.91 -3.81 17.52
CA ARG C 209 -21.61 -2.40 17.78
C ARG C 209 -20.19 -2.27 18.30
N ILE C 210 -19.43 -1.33 17.76
CA ILE C 210 -18.12 -1.02 18.26
C ILE C 210 -18.05 0.46 18.60
N ASP C 211 -17.77 0.77 19.85
CA ASP C 211 -17.56 2.15 20.30
C ASP C 211 -16.09 2.46 20.52
N PHE C 212 -15.64 3.61 20.03
CA PHE C 212 -14.24 4.03 20.17
C PHE C 212 -14.04 5.01 21.33
N ALA C 213 -13.15 4.67 22.26
CA ALA C 213 -12.93 5.51 23.43
C ALA C 213 -12.03 6.70 23.12
N ARG C 214 -11.00 6.50 22.29
CA ARG C 214 -10.16 7.62 21.85
C ARG C 214 -9.67 7.34 20.45
N ALA C 215 -9.15 8.37 19.81
CA ALA C 215 -8.63 8.19 18.46
C ALA C 215 -7.16 7.78 18.53
N ILE C 216 -6.76 6.92 17.61
CA ILE C 216 -5.41 6.41 17.54
C ILE C 216 -4.58 7.32 16.66
N GLU C 217 -3.35 7.61 17.08
CA GLU C 217 -2.48 8.52 16.34
C GLU C 217 -1.32 7.88 15.56
N ILE C 218 -0.82 8.61 14.58
CA ILE C 218 0.16 8.12 13.63
C ILE C 218 1.45 7.54 14.24
N GLY C 219 1.97 8.17 15.30
CA GLY C 219 3.19 7.67 15.96
C GLY C 219 2.97 6.53 16.97
N GLU C 220 1.94 5.71 16.74
CA GLU C 220 1.56 4.71 17.72
C GLU C 220 1.44 3.35 17.10
N ILE C 221 1.48 2.31 17.93
CA ILE C 221 1.15 0.96 17.47
C ILE C 221 -0.21 0.56 17.97
N VAL C 222 -0.90 -0.30 17.22
CA VAL C 222 -2.13 -0.87 17.70
C VAL C 222 -1.81 -2.24 18.26
N GLU C 223 -2.52 -2.66 19.29
CA GLU C 223 -2.32 -4.01 19.81
C GLU C 223 -3.68 -4.65 19.90
N ALA C 224 -3.88 -5.76 19.21
CA ALA C 224 -5.17 -6.46 19.30
C ALA C 224 -5.09 -7.72 20.16
N GLN C 225 -6.11 -7.97 20.95
CA GLN C 225 -6.17 -9.22 21.68
C GLN C 225 -7.48 -9.86 21.33
N ALA C 226 -7.39 -11.05 20.78
CA ALA C 226 -8.56 -11.74 20.31
C ALA C 226 -8.56 -13.15 20.87
N HIS C 227 -9.74 -13.61 21.29
CA HIS C 227 -9.93 -14.99 21.71
C HIS C 227 -11.39 -15.45 21.45
N VAL C 228 -11.63 -16.76 21.46
CA VAL C 228 -12.95 -17.31 21.15
C VAL C 228 -13.86 -17.25 22.39
N GLU C 229 -15.03 -16.65 22.25
CA GLU C 229 -15.97 -16.54 23.35
C GLU C 229 -16.88 -17.76 23.39
N ARG C 230 -17.52 -18.05 22.26
CA ARG C 230 -18.44 -19.18 22.20
C ARG C 230 -18.35 -19.87 20.86
N VAL C 231 -18.83 -21.11 20.80
CA VAL C 231 -18.70 -21.94 19.63
C VAL C 231 -20.03 -22.53 19.25
N GLY C 232 -20.54 -22.18 18.07
CA GLY C 232 -21.74 -22.83 17.52
C GLY C 232 -21.42 -24.14 16.81
N ARG C 233 -22.34 -24.62 15.97
CA ARG C 233 -22.07 -25.81 15.15
C ARG C 233 -21.14 -25.44 13.97
N SER C 234 -21.49 -24.39 13.24
CA SER C 234 -20.67 -23.92 12.11
C SER C 234 -19.90 -22.63 12.41
N SER C 235 -20.38 -21.88 13.41
CA SER C 235 -19.93 -20.52 13.65
C SER C 235 -19.15 -20.38 14.96
N SER C 237 -18.04 -17.04 17.96
CA SER C 237 -17.91 -15.64 18.35
C SER C 237 -16.50 -15.29 18.86
N ILE C 238 -16.01 -14.13 18.45
CA ILE C 238 -14.70 -13.71 18.88
C ILE C 238 -14.78 -12.33 19.45
N GLN C 239 -14.21 -12.17 20.64
CA GLN C 239 -14.03 -10.86 21.23
C GLN C 239 -12.66 -10.35 20.88
N THR C 240 -12.58 -9.10 20.43
CA THR C 240 -11.31 -8.45 20.25
C THR C 240 -11.23 -7.19 21.07
N LYS C 241 -10.06 -6.95 21.67
CA LYS C 241 -9.77 -5.72 22.39
C LYS C 241 -8.65 -4.95 21.68
N LEU C 242 -8.86 -3.68 21.44
CA LEU C 242 -7.85 -2.93 20.73
C LEU C 242 -7.21 -1.89 21.66
N TRP C 243 -5.88 -1.85 21.68
CA TRP C 243 -5.16 -0.83 22.45
C TRP C 243 -4.28 0.00 21.56
N SER C 244 -3.95 1.19 22.01
CA SER C 244 -2.91 1.95 21.31
C SER C 244 -1.78 2.08 22.27
N GLU C 245 -0.57 2.25 21.74
CA GLU C 245 0.59 2.45 22.60
C GLU C 245 1.51 3.42 21.93
N ASN C 246 1.89 4.48 22.63
CA ASN C 246 2.82 5.42 22.08
C ASN C 246 4.23 4.84 22.09
N LEU C 247 4.86 4.81 20.93
CA LEU C 247 6.11 4.08 20.82
C LEU C 247 7.21 4.66 21.67
N LEU C 248 7.31 5.98 21.68
CA LEU C 248 8.37 6.63 22.44
C LEU C 248 8.07 6.79 23.94
N THR C 249 6.82 7.07 24.29
CA THR C 249 6.50 7.29 25.69
C THR C 249 6.06 6.02 26.37
N GLY C 250 5.39 5.14 25.65
CA GLY C 250 4.88 3.91 26.28
C GLY C 250 3.47 4.00 26.82
N GLU C 251 2.83 5.15 26.63
CA GLU C 251 1.46 5.39 27.08
C GLU C 251 0.44 4.49 26.36
N ARG C 252 -0.29 3.67 27.10
CA ARG C 252 -1.30 2.80 26.51
C ARG C 252 -2.68 3.22 26.91
N HIS C 253 -3.66 2.91 26.08
CA HIS C 253 -5.06 3.12 26.37
C HIS C 253 -5.83 2.08 25.65
N ILE C 254 -6.85 1.55 26.28
CA ILE C 254 -7.81 0.72 25.61
C ILE C 254 -8.59 1.62 24.67
N THR C 255 -8.87 1.12 23.47
CA THR C 255 -9.42 1.96 22.43
C THR C 255 -10.82 1.51 22.05
N ALA C 256 -11.02 0.21 21.91
CA ALA C 256 -12.27 -0.37 21.47
C ALA C 256 -12.32 -1.84 21.81
N THR C 257 -13.53 -2.35 22.01
CA THR C 257 -13.78 -3.76 22.13
C THR C 257 -14.81 -4.12 21.10
N GLY C 258 -14.60 -5.21 20.40
CA GLY C 258 -15.56 -5.64 19.39
C GLY C 258 -15.89 -7.10 19.51
N HIS C 259 -17.01 -7.49 18.92
CA HIS C 259 -17.35 -8.90 18.84
C HIS C 259 -17.72 -9.27 17.43
N PHE C 260 -16.93 -10.16 16.84
CA PHE C 260 -17.14 -10.63 15.48
C PHE C 260 -17.60 -12.07 15.47
N THR C 261 -18.55 -12.37 14.59
CA THR C 261 -18.91 -13.75 14.32
C THR C 261 -18.16 -14.21 13.06
N VAL C 263 -17.43 -17.66 10.45
CA VAL C 263 -17.97 -18.96 10.06
C VAL C 263 -16.88 -19.81 9.41
N ALA C 264 -16.82 -21.08 9.82
CA ALA C 264 -15.87 -22.03 9.23
C ALA C 264 -16.34 -22.44 7.84
N VAL C 265 -15.39 -22.62 6.94
CA VAL C 265 -15.69 -22.90 5.53
C VAL C 265 -14.82 -24.03 4.93
N ASP C 266 -15.39 -24.79 3.98
CA ASP C 266 -14.69 -25.81 3.20
C ASP C 266 -13.93 -25.22 2.00
N ARG C 270 -18.10 -22.77 1.28
CA ARG C 270 -19.26 -23.45 1.86
C ARG C 270 -19.04 -23.86 3.34
N PRO C 271 -19.99 -23.48 4.23
CA PRO C 271 -20.00 -23.65 5.69
C PRO C 271 -19.63 -25.06 6.16
N ALA C 272 -18.88 -25.14 7.26
CA ALA C 272 -18.37 -26.42 7.80
C ALA C 272 -18.56 -26.57 9.32
N THR C 273 -18.34 -27.79 9.83
CA THR C 273 -18.45 -28.09 11.26
C THR C 273 -17.16 -27.67 12.00
N ILE C 274 -17.29 -26.78 12.99
CA ILE C 274 -16.14 -26.11 13.62
C ILE C 274 -15.34 -27.04 14.53
#